data_6YQB
#
_entry.id   6YQB
#
_cell.length_a   65.583
_cell.length_b   102.940
_cell.length_c   75.623
_cell.angle_alpha   90.000
_cell.angle_beta   103.812
_cell.angle_gamma   90.000
#
_symmetry.space_group_name_H-M   'P 1 21 1'
#
loop_
_entity.id
_entity.type
_entity.pdbx_description
1 polymer Alpha-amylase
2 non-polymer 1,2-ETHANEDIOL
3 non-polymer 2-acetamido-2-deoxy-beta-D-glucopyranose
4 non-polymer 'CALCIUM ION'
5 non-polymer alpha-D-glucopyranose
6 non-polymer '[(1~{S},2~{R},3~{R},4~{S},5~{R})-2-(hydroxymethyl)-3,4,5,6-tetrakis(oxidanyl)cyclohexyl] hydrogen sulfate'
7 water water
#
_entity_poly.entity_id   1
_entity_poly.type   'polypeptide(L)'
_entity_poly.pdbx_seq_one_letter_code
;MMVAWWSLFLYGLQVAAPALAATPADWRSQSIYFLLTDRFARTDGSTTATCNTADQKYCGGTWQGIIDKLDYIQGMGFTA
IWITPVTAQLPQTTAYGDAYHGYWQQDIYSLNENYGTADDLKALSSALHERGMYLMVDVVANHMGYDGAGSSVDYSVFKP
FSSQDYFHPFCFIQNYEDQTQVEDCWLGDNTVSLPDLDTTKDVVKNEWYDWVGSLVSNYSIDGLRIDTVKHVQKDFWPGY
NKAAGVYCIGEVLDGDPAYTCPYQNVMDGVLNYPIYYPLLNAFKSTSGSMDDLYNMINTVKSDCPDSTLLGTFVENHDNP
RFASYTNDIALAKNVAAFIILNDGIPIIYAGQEQHYAGGNDPANREATWLSGYPTDSELYKLIASANAIRNYAISKDTGF
VTYKNWPIYKDDTTIAMRKGTDGSQIVTILSNKGASGDSYTLSLSGAGYTAGQQLTEVIGCTTVTVGSDGNVPVPMAGGL
PRVLYPTEKLAGSKICSSS
;
_entity_poly.pdbx_strand_id   AAA,BBB
#
# COMPACT_ATOMS: atom_id res chain seq x y z
N ALA A 22 -5.67 -23.92 0.79
CA ALA A 22 -4.58 -23.12 1.44
C ALA A 22 -4.99 -21.66 1.54
N THR A 23 -4.57 -20.97 2.60
CA THR A 23 -5.05 -19.61 2.92
C THR A 23 -4.33 -18.58 2.07
N PRO A 24 -4.84 -17.33 2.00
CA PRO A 24 -4.09 -16.23 1.42
C PRO A 24 -2.67 -16.12 2.00
N ALA A 25 -2.50 -16.24 3.32
CA ALA A 25 -1.14 -16.13 3.90
C ALA A 25 -0.24 -17.24 3.37
N ASP A 26 -0.77 -18.46 3.24
CA ASP A 26 -0.03 -19.61 2.67
C ASP A 26 0.40 -19.29 1.23
N TRP A 27 -0.44 -18.58 0.46
CA TRP A 27 -0.19 -18.38 -0.98
C TRP A 27 0.88 -17.30 -1.22
N ARG A 28 1.10 -16.41 -0.26
CA ARG A 28 2.02 -15.27 -0.47
C ARG A 28 3.39 -15.76 -0.93
N SER A 29 3.86 -16.90 -0.44
CA SER A 29 5.21 -17.41 -0.73
C SER A 29 5.29 -18.21 -2.04
N GLN A 30 4.16 -18.42 -2.71
CA GLN A 30 4.11 -19.32 -3.87
C GLN A 30 4.59 -18.60 -5.13
N SER A 31 4.98 -19.42 -6.11
CA SER A 31 5.34 -18.94 -7.47
C SER A 31 4.61 -19.87 -8.45
N ILE A 32 3.78 -19.33 -9.37
CA ILE A 32 2.81 -20.12 -10.17
C ILE A 32 3.32 -20.27 -11.62
N TYR A 33 3.27 -21.48 -12.14
CA TYR A 33 3.37 -21.80 -13.58
C TYR A 33 1.96 -22.01 -14.09
N PHE A 34 1.53 -21.08 -14.93
CA PHE A 34 0.17 -21.13 -15.52
C PHE A 34 0.23 -21.90 -16.85
N LEU A 35 -0.63 -22.90 -17.03
CA LEU A 35 -0.63 -23.72 -18.26
C LEU A 35 -2.06 -23.99 -18.75
N LEU A 36 -2.20 -24.18 -20.06
CA LEU A 36 -3.45 -24.66 -20.68
C LEU A 36 -3.38 -26.18 -20.66
N THR A 37 -4.34 -26.82 -20.03
CA THR A 37 -4.32 -28.31 -19.93
C THR A 37 -4.24 -28.91 -21.34
N ASP A 38 -4.96 -28.39 -22.30
CA ASP A 38 -4.93 -28.92 -23.68
C ASP A 38 -3.56 -28.81 -24.34
N ARG A 39 -2.71 -27.87 -23.91
CA ARG A 39 -1.52 -27.44 -24.67
C ARG A 39 -0.22 -27.78 -23.95
N PHE A 40 -0.23 -28.23 -22.70
CA PHE A 40 1.05 -28.39 -21.97
C PHE A 40 1.71 -29.76 -22.22
N ALA A 41 0.99 -30.86 -22.02
CA ALA A 41 1.61 -32.21 -22.12
C ALA A 41 0.55 -33.26 -22.43
N ARG A 42 0.82 -34.07 -23.44
CA ARG A 42 -0.02 -35.24 -23.80
C ARG A 42 0.33 -36.43 -22.93
N THR A 43 -0.64 -37.33 -22.81
CA THR A 43 -0.42 -38.62 -22.09
C THR A 43 0.75 -39.37 -22.75
N ASP A 44 0.82 -39.40 -24.08
CA ASP A 44 1.86 -40.19 -24.78
C ASP A 44 3.23 -39.52 -24.66
N GLY A 45 3.32 -38.27 -24.12
CA GLY A 45 4.62 -37.60 -23.94
C GLY A 45 5.25 -37.11 -25.24
N SER A 46 4.52 -37.07 -26.35
CA SER A 46 5.08 -36.69 -27.68
C SER A 46 5.61 -35.26 -27.60
N THR A 47 6.76 -34.97 -28.22
CA THR A 47 7.22 -33.58 -28.39
C THR A 47 7.06 -33.15 -29.86
N THR A 48 6.38 -33.95 -30.68
CA THR A 48 6.22 -33.65 -32.13
C THR A 48 4.74 -33.65 -32.57
N ALA A 49 3.81 -34.13 -31.76
CA ALA A 49 2.37 -34.20 -32.11
C ALA A 49 1.91 -32.81 -32.55
N THR A 50 1.23 -32.74 -33.71
CA THR A 50 0.85 -31.48 -34.37
C THR A 50 -0.05 -30.67 -33.43
N CYS A 51 0.21 -29.37 -33.31
CA CYS A 51 -0.77 -28.46 -32.66
C CYS A 51 -0.75 -27.15 -33.43
N ASN A 52 -1.60 -27.06 -34.46
CA ASN A 52 -1.65 -25.83 -35.29
C ASN A 52 -2.62 -24.87 -34.55
N THR A 53 -2.11 -23.78 -33.95
CA THR A 53 -2.98 -22.94 -33.08
C THR A 53 -4.13 -22.34 -33.90
N ALA A 54 -3.94 -22.13 -35.22
CA ALA A 54 -4.98 -21.48 -36.06
C ALA A 54 -6.19 -22.42 -36.23
N ASP A 55 -6.01 -23.74 -36.07
CA ASP A 55 -7.13 -24.70 -36.17
C ASP A 55 -8.07 -24.54 -34.97
N GLN A 56 -7.58 -24.08 -33.81
CA GLN A 56 -8.40 -23.87 -32.59
C GLN A 56 -9.08 -25.17 -32.18
N LYS A 57 -8.37 -26.28 -32.30
CA LYS A 57 -8.95 -27.60 -31.92
C LYS A 57 -8.20 -28.20 -30.74
N TYR A 58 -8.81 -29.15 -30.04
CA TYR A 58 -8.11 -29.94 -29.01
C TYR A 58 -6.86 -30.52 -29.67
N CYS A 59 -5.72 -30.33 -29.01
CA CYS A 59 -4.41 -30.88 -29.42
C CYS A 59 -4.04 -32.11 -28.58
N GLY A 60 -4.69 -32.32 -27.45
CA GLY A 60 -4.69 -33.58 -26.69
C GLY A 60 -3.93 -33.51 -25.38
N GLY A 61 -3.61 -32.32 -24.85
CA GLY A 61 -3.02 -32.27 -23.51
C GLY A 61 -3.96 -32.79 -22.43
N THR A 62 -3.40 -33.43 -21.40
CA THR A 62 -4.15 -34.09 -20.31
C THR A 62 -3.56 -33.81 -18.93
N TRP A 63 -4.34 -34.14 -17.91
CA TRP A 63 -3.92 -34.09 -16.50
C TRP A 63 -2.77 -35.09 -16.30
N GLN A 64 -2.88 -36.30 -16.85
CA GLN A 64 -1.76 -37.28 -16.74
C GLN A 64 -0.48 -36.68 -17.35
N GLY A 65 -0.60 -36.02 -18.50
CA GLY A 65 0.57 -35.40 -19.14
C GLY A 65 1.23 -34.42 -18.20
N ILE A 66 0.45 -33.61 -17.48
CA ILE A 66 1.03 -32.63 -16.51
C ILE A 66 1.86 -33.40 -15.45
N ILE A 67 1.29 -34.45 -14.89
CA ILE A 67 1.95 -35.23 -13.80
C ILE A 67 3.33 -35.65 -14.31
N ASP A 68 3.39 -36.16 -15.55
CA ASP A 68 4.61 -36.76 -16.13
C ASP A 68 5.68 -35.67 -16.28
N LYS A 69 5.29 -34.38 -16.39
CA LYS A 69 6.28 -33.28 -16.62
C LYS A 69 6.45 -32.38 -15.39
N LEU A 70 6.06 -32.83 -14.20
CA LEU A 70 6.22 -32.00 -12.99
C LEU A 70 7.71 -31.74 -12.69
N ASP A 71 8.66 -32.63 -13.06
CA ASP A 71 10.09 -32.32 -12.79
C ASP A 71 10.51 -31.07 -13.59
N TYR A 72 10.00 -30.94 -14.81
CA TYR A 72 10.31 -29.81 -15.72
C TYR A 72 9.84 -28.50 -15.05
N ILE A 73 8.63 -28.52 -14.52
CA ILE A 73 8.05 -27.31 -13.87
C ILE A 73 8.80 -26.99 -12.58
N GLN A 74 9.03 -28.00 -11.75
CA GLN A 74 9.65 -27.79 -10.43
C GLN A 74 11.14 -27.42 -10.59
N GLY A 75 11.78 -27.81 -11.69
CA GLY A 75 13.18 -27.46 -12.02
C GLY A 75 13.40 -25.99 -12.25
N MET A 76 12.31 -25.27 -12.57
CA MET A 76 12.40 -23.80 -12.65
C MET A 76 12.08 -23.13 -11.30
N GLY A 77 11.78 -23.90 -10.25
CA GLY A 77 11.56 -23.39 -8.88
C GLY A 77 10.17 -22.85 -8.66
N PHE A 78 9.22 -23.22 -9.50
CA PHE A 78 7.78 -22.98 -9.22
C PHE A 78 7.29 -23.89 -8.08
N THR A 79 6.35 -23.37 -7.30
CA THR A 79 5.78 -24.07 -6.13
C THR A 79 4.34 -24.48 -6.40
N ALA A 80 3.78 -24.06 -7.51
CA ALA A 80 2.33 -24.21 -7.75
C ALA A 80 2.07 -24.20 -9.26
N ILE A 81 0.94 -24.76 -9.67
CA ILE A 81 0.48 -24.61 -11.09
C ILE A 81 -0.95 -24.07 -11.07
N TRP A 82 -1.27 -23.28 -12.07
CA TRP A 82 -2.64 -22.86 -12.37
C TRP A 82 -3.04 -23.55 -13.67
N ILE A 83 -4.11 -24.36 -13.65
CA ILE A 83 -4.60 -25.08 -14.86
C ILE A 83 -5.93 -24.48 -15.28
N THR A 84 -6.23 -24.59 -16.55
CA THR A 84 -7.49 -24.02 -17.10
C THR A 84 -8.69 -24.83 -16.65
N PRO A 85 -9.90 -24.31 -16.84
CA PRO A 85 -11.06 -24.92 -16.21
C PRO A 85 -11.31 -26.40 -16.51
N VAL A 86 -11.98 -27.06 -15.57
CA VAL A 86 -12.05 -28.56 -15.61
C VAL A 86 -13.45 -29.03 -15.97
N THR A 87 -14.44 -28.15 -16.03
CA THR A 87 -15.85 -28.55 -16.22
C THR A 87 -16.13 -28.97 -17.66
N ALA A 88 -17.16 -29.82 -17.84
CA ALA A 88 -17.54 -30.23 -19.19
C ALA A 88 -18.07 -29.07 -20.01
N GLN A 89 -17.75 -29.12 -21.31
CA GLN A 89 -17.89 -27.95 -22.21
C GLN A 89 -18.94 -28.23 -23.28
N LEU A 90 -19.30 -27.19 -24.05
CA LEU A 90 -20.02 -27.46 -25.31
C LEU A 90 -19.22 -28.42 -26.18
N PRO A 91 -19.95 -29.37 -26.83
CA PRO A 91 -19.32 -30.43 -27.59
C PRO A 91 -18.85 -30.07 -29.00
N GLN A 92 -19.41 -29.01 -29.59
CA GLN A 92 -19.18 -28.67 -31.01
C GLN A 92 -17.75 -28.22 -31.28
N THR A 93 -17.33 -28.41 -32.52
CA THR A 93 -16.30 -27.56 -33.12
C THR A 93 -17.08 -26.39 -33.68
N THR A 94 -16.97 -25.25 -33.01
CA THR A 94 -17.68 -24.02 -33.42
C THR A 94 -16.93 -23.41 -34.62
N ALA A 95 -17.45 -22.32 -35.16
CA ALA A 95 -16.71 -21.52 -36.17
C ALA A 95 -15.41 -20.98 -35.56
N TYR A 96 -15.30 -20.91 -34.21
CA TYR A 96 -14.08 -20.45 -33.50
C TYR A 96 -13.34 -21.62 -32.90
N GLY A 97 -13.71 -22.83 -33.31
CA GLY A 97 -13.02 -24.05 -32.84
C GLY A 97 -13.66 -24.67 -31.60
N ASP A 98 -12.91 -25.57 -30.99
CA ASP A 98 -13.32 -26.39 -29.85
C ASP A 98 -13.21 -25.57 -28.56
N ALA A 99 -13.85 -26.06 -27.51
CA ALA A 99 -13.73 -25.56 -26.12
C ALA A 99 -12.42 -26.05 -25.45
N TYR A 100 -11.32 -26.06 -26.17
CA TYR A 100 -10.02 -26.63 -25.72
C TYR A 100 -9.53 -25.88 -24.47
N HIS A 101 -9.88 -24.59 -24.39
CA HIS A 101 -9.44 -23.67 -23.35
C HIS A 101 -10.21 -23.83 -22.06
N GLY A 102 -11.42 -24.45 -22.06
CA GLY A 102 -12.22 -24.62 -20.83
C GLY A 102 -13.22 -23.53 -20.46
N TYR A 103 -13.37 -22.44 -21.23
CA TYR A 103 -14.18 -21.26 -20.82
C TYR A 103 -15.58 -21.29 -21.41
N TRP A 104 -16.05 -22.41 -21.94
CA TRP A 104 -17.38 -22.56 -22.58
C TRP A 104 -18.17 -23.70 -21.91
N GLN A 105 -18.38 -23.60 -20.60
CA GLN A 105 -18.89 -24.78 -19.85
C GLN A 105 -20.39 -24.98 -20.12
N GLN A 106 -20.85 -26.23 -19.99
CA GLN A 106 -22.29 -26.58 -20.01
C GLN A 106 -22.70 -27.41 -18.79
N ASP A 107 -21.92 -28.39 -18.36
CA ASP A 107 -22.30 -29.26 -17.22
C ASP A 107 -21.20 -29.16 -16.17
N ILE A 108 -21.50 -28.45 -15.09
CA ILE A 108 -20.50 -28.10 -14.05
C ILE A 108 -20.27 -29.28 -13.12
N TYR A 109 -21.15 -30.30 -13.18
CA TYR A 109 -20.99 -31.53 -12.35
C TYR A 109 -20.37 -32.66 -13.14
N SER A 110 -19.89 -32.41 -14.34
CA SER A 110 -19.07 -33.37 -15.11
C SER A 110 -17.73 -32.75 -15.44
N LEU A 111 -16.74 -33.58 -15.66
CA LEU A 111 -15.41 -33.09 -16.09
C LEU A 111 -15.30 -33.14 -17.62
N ASN A 112 -14.39 -32.33 -18.13
CA ASN A 112 -14.01 -32.34 -19.56
C ASN A 112 -13.22 -33.63 -19.84
N GLU A 113 -13.90 -34.64 -20.41
CA GLU A 113 -13.26 -35.98 -20.61
C GLU A 113 -12.03 -35.89 -21.51
N ASN A 114 -11.83 -34.81 -22.28
CA ASN A 114 -10.61 -34.61 -23.12
C ASN A 114 -9.37 -34.72 -22.24
N TYR A 115 -9.45 -34.28 -20.97
CA TYR A 115 -8.26 -34.13 -20.10
C TYR A 115 -8.02 -35.38 -19.25
N GLY A 116 -9.02 -36.24 -19.17
CA GLY A 116 -8.95 -37.48 -18.38
C GLY A 116 -10.17 -37.65 -17.51
N THR A 117 -10.01 -38.42 -16.42
CA THR A 117 -11.11 -38.85 -15.52
C THR A 117 -10.98 -38.10 -14.18
N ALA A 118 -12.00 -38.18 -13.32
CA ALA A 118 -11.97 -37.64 -11.95
C ALA A 118 -10.74 -38.22 -11.22
N ASP A 119 -10.43 -39.51 -11.40
CA ASP A 119 -9.24 -40.09 -10.74
C ASP A 119 -7.96 -39.42 -11.25
N ASP A 120 -7.89 -39.04 -12.53
CA ASP A 120 -6.70 -38.38 -13.08
C ASP A 120 -6.58 -37.00 -12.44
N LEU A 121 -7.66 -36.25 -12.30
CA LEU A 121 -7.56 -34.89 -11.70
C LEU A 121 -7.13 -35.05 -10.23
N LYS A 122 -7.64 -36.07 -9.52
CA LYS A 122 -7.22 -36.36 -8.12
C LYS A 122 -5.75 -36.80 -8.09
N ALA A 123 -5.28 -37.55 -9.08
CA ALA A 123 -3.87 -37.98 -9.19
C ALA A 123 -2.97 -36.76 -9.41
N LEU A 124 -3.42 -35.76 -10.17
CA LEU A 124 -2.61 -34.54 -10.38
C LEU A 124 -2.46 -33.79 -9.04
N SER A 125 -3.56 -33.53 -8.32
CA SER A 125 -3.55 -32.87 -7.02
C SER A 125 -2.58 -33.59 -6.07
N SER A 126 -2.72 -34.91 -6.01
N SER A 126 -2.74 -34.91 -6.01
CA SER A 126 -1.88 -35.74 -5.12
CA SER A 126 -1.89 -35.81 -5.17
C SER A 126 -0.40 -35.67 -5.53
C SER A 126 -0.41 -35.66 -5.54
N ALA A 127 -0.10 -35.70 -6.84
CA ALA A 127 1.29 -35.63 -7.32
C ALA A 127 1.93 -34.30 -6.91
N LEU A 128 1.18 -33.20 -7.07
CA LEU A 128 1.68 -31.88 -6.63
C LEU A 128 1.91 -31.88 -5.12
N HIS A 129 0.98 -32.40 -4.33
CA HIS A 129 1.09 -32.43 -2.85
C HIS A 129 2.33 -33.26 -2.44
N GLU A 130 2.63 -34.37 -3.14
CA GLU A 130 3.80 -35.24 -2.77
C GLU A 130 5.09 -34.44 -2.93
N ARG A 131 5.10 -33.43 -3.82
CA ARG A 131 6.26 -32.57 -4.14
C ARG A 131 6.23 -31.26 -3.33
N GLY A 132 5.26 -31.06 -2.43
CA GLY A 132 5.12 -29.85 -1.61
C GLY A 132 4.62 -28.69 -2.46
N MET A 133 3.89 -29.00 -3.51
CA MET A 133 3.38 -27.98 -4.47
C MET A 133 1.89 -27.81 -4.33
N TYR A 134 1.36 -26.67 -4.77
CA TYR A 134 -0.10 -26.42 -4.77
C TYR A 134 -0.72 -26.54 -6.17
N LEU A 135 -2.00 -26.90 -6.18
CA LEU A 135 -2.88 -26.89 -7.35
C LEU A 135 -3.82 -25.70 -7.27
N MET A 136 -3.77 -24.84 -8.29
CA MET A 136 -4.81 -23.78 -8.47
C MET A 136 -5.64 -24.08 -9.72
N VAL A 137 -6.98 -24.02 -9.62
CA VAL A 137 -7.91 -24.34 -10.71
C VAL A 137 -8.64 -23.06 -11.10
N ASP A 138 -8.68 -22.86 -12.42
CA ASP A 138 -9.44 -21.77 -13.05
C ASP A 138 -10.93 -22.10 -13.03
N VAL A 139 -11.76 -21.12 -12.65
CA VAL A 139 -13.24 -21.34 -12.55
C VAL A 139 -13.94 -20.14 -13.16
N VAL A 140 -15.11 -20.37 -13.74
CA VAL A 140 -16.01 -19.30 -14.28
C VAL A 140 -17.32 -19.42 -13.53
N ALA A 141 -17.80 -18.30 -12.99
CA ALA A 141 -19.17 -18.20 -12.44
C ALA A 141 -20.04 -17.37 -13.35
N ASN A 142 -19.43 -16.53 -14.18
CA ASN A 142 -20.24 -15.52 -14.94
C ASN A 142 -21.14 -16.17 -15.98
N HIS A 143 -20.64 -17.17 -16.68
CA HIS A 143 -21.29 -17.62 -17.95
C HIS A 143 -21.11 -19.12 -18.22
N MET A 144 -22.04 -19.63 -19.00
CA MET A 144 -21.90 -20.92 -19.73
C MET A 144 -21.41 -20.61 -21.16
N GLY A 145 -21.28 -21.61 -22.01
CA GLY A 145 -21.01 -21.44 -23.45
C GLY A 145 -22.04 -22.12 -24.31
N TYR A 146 -22.25 -21.64 -25.52
CA TYR A 146 -23.23 -22.30 -26.41
C TYR A 146 -22.86 -21.99 -27.85
N ASP A 147 -22.93 -23.01 -28.71
CA ASP A 147 -22.59 -22.87 -30.14
C ASP A 147 -23.77 -22.23 -30.84
N GLY A 148 -23.64 -20.98 -31.17
CA GLY A 148 -24.75 -20.31 -31.87
C GLY A 148 -25.14 -19.02 -31.21
N ALA A 149 -26.06 -18.34 -31.87
CA ALA A 149 -26.60 -17.03 -31.48
C ALA A 149 -27.36 -17.17 -30.16
N GLY A 150 -27.43 -16.09 -29.41
CA GLY A 150 -28.22 -15.98 -28.16
C GLY A 150 -29.65 -16.43 -28.28
N SER A 151 -30.34 -16.05 -29.35
CA SER A 151 -31.77 -16.43 -29.57
C SER A 151 -31.97 -17.94 -29.85
N SER A 152 -30.93 -18.69 -30.20
CA SER A 152 -30.98 -20.13 -30.57
C SER A 152 -30.68 -21.02 -29.33
N VAL A 153 -30.38 -20.42 -28.17
CA VAL A 153 -29.91 -21.19 -26.97
C VAL A 153 -31.00 -22.11 -26.45
N ASP A 154 -30.67 -23.40 -26.34
CA ASP A 154 -31.55 -24.37 -25.65
C ASP A 154 -31.03 -24.48 -24.22
N TYR A 155 -31.69 -23.81 -23.28
CA TYR A 155 -31.20 -23.64 -21.87
C TYR A 155 -31.18 -24.97 -21.17
N SER A 156 -31.89 -25.98 -21.71
CA SER A 156 -31.97 -27.31 -21.09
C SER A 156 -30.61 -28.04 -21.15
N VAL A 157 -29.63 -27.60 -21.94
CA VAL A 157 -28.32 -28.31 -22.01
C VAL A 157 -27.47 -27.93 -20.78
N PHE A 158 -27.80 -26.86 -20.06
CA PHE A 158 -26.96 -26.33 -18.96
C PHE A 158 -27.32 -27.09 -17.69
N LYS A 159 -26.33 -27.69 -17.02
CA LYS A 159 -26.54 -28.44 -15.74
C LYS A 159 -25.71 -27.78 -14.66
N PRO A 160 -26.33 -27.34 -13.53
CA PRO A 160 -27.75 -27.56 -13.20
C PRO A 160 -28.70 -26.44 -13.66
N PHE A 161 -28.17 -25.43 -14.34
CA PHE A 161 -28.95 -24.21 -14.67
C PHE A 161 -29.81 -24.42 -15.93
N SER A 162 -30.70 -25.40 -15.90
CA SER A 162 -31.40 -25.92 -17.11
C SER A 162 -32.66 -25.13 -17.44
N SER A 163 -32.64 -23.84 -17.28
CA SER A 163 -33.80 -22.99 -17.58
C SER A 163 -33.33 -21.59 -17.90
N GLN A 164 -34.02 -20.92 -18.82
CA GLN A 164 -33.80 -19.49 -19.08
C GLN A 164 -33.98 -18.67 -17.78
N ASP A 165 -34.73 -19.17 -16.79
CA ASP A 165 -35.04 -18.46 -15.53
C ASP A 165 -33.75 -18.15 -14.74
N TYR A 166 -32.67 -18.89 -14.98
CA TYR A 166 -31.40 -18.70 -14.25
C TYR A 166 -30.53 -17.62 -14.91
N PHE A 167 -30.91 -17.12 -16.09
CA PHE A 167 -30.06 -16.25 -16.91
C PHE A 167 -30.60 -14.83 -17.01
N HIS A 168 -29.70 -13.88 -17.15
CA HIS A 168 -30.06 -12.52 -17.56
C HIS A 168 -30.62 -12.52 -18.98
N PRO A 169 -31.59 -11.64 -19.27
CA PRO A 169 -32.08 -11.52 -20.64
C PRO A 169 -30.95 -11.27 -21.65
N PHE A 170 -31.08 -11.80 -22.85
CA PHE A 170 -30.06 -11.70 -23.94
C PHE A 170 -29.85 -10.24 -24.38
N CYS A 171 -28.61 -9.78 -24.28
CA CYS A 171 -28.12 -8.47 -24.78
C CYS A 171 -26.61 -8.59 -24.78
N PHE A 172 -25.93 -7.76 -25.55
CA PHE A 172 -24.46 -7.74 -25.53
C PHE A 172 -23.95 -6.53 -24.76
N ILE A 173 -22.74 -6.69 -24.24
CA ILE A 173 -22.07 -5.54 -23.60
C ILE A 173 -21.49 -4.65 -24.69
N GLN A 174 -21.98 -3.41 -24.76
CA GLN A 174 -21.58 -2.41 -25.78
C GLN A 174 -20.98 -1.19 -25.07
N ASN A 175 -21.55 -0.80 -23.92
CA ASN A 175 -21.11 0.38 -23.15
C ASN A 175 -20.30 -0.10 -21.93
N TYR A 176 -18.99 -0.24 -22.09
CA TYR A 176 -18.12 -0.76 -21.00
C TYR A 176 -17.98 0.28 -19.86
N GLU A 177 -18.44 1.53 -20.00
CA GLU A 177 -18.52 2.54 -18.91
C GLU A 177 -19.78 2.38 -18.05
N ASP A 178 -20.74 1.54 -18.47
CA ASP A 178 -21.99 1.28 -17.74
C ASP A 178 -21.80 -0.03 -16.97
N GLN A 179 -21.37 0.07 -15.72
CA GLN A 179 -21.03 -1.13 -14.92
C GLN A 179 -22.24 -2.05 -14.84
N THR A 180 -23.48 -1.50 -14.83
CA THR A 180 -24.68 -2.37 -14.84
C THR A 180 -24.68 -3.20 -16.12
N GLN A 181 -24.43 -2.62 -17.28
CA GLN A 181 -24.41 -3.36 -18.56
C GLN A 181 -23.28 -4.41 -18.53
N VAL A 182 -22.13 -4.02 -17.98
CA VAL A 182 -20.95 -4.94 -17.88
C VAL A 182 -21.33 -6.18 -17.12
N GLU A 183 -22.18 -6.07 -16.09
CA GLU A 183 -22.57 -7.20 -15.24
C GLU A 183 -23.78 -7.96 -15.80
N ASP A 184 -24.74 -7.24 -16.40
CA ASP A 184 -26.07 -7.84 -16.68
C ASP A 184 -26.20 -8.35 -18.13
N CYS A 185 -25.36 -7.90 -19.02
CA CYS A 185 -25.37 -8.31 -20.44
C CYS A 185 -24.34 -9.42 -20.69
N TRP A 186 -24.40 -10.01 -21.88
CA TRP A 186 -23.63 -11.24 -22.21
C TRP A 186 -22.30 -10.85 -22.85
N LEU A 187 -21.26 -11.59 -22.49
CA LEU A 187 -20.04 -11.70 -23.27
C LEU A 187 -20.26 -12.53 -24.55
N GLY A 188 -19.21 -12.69 -25.34
CA GLY A 188 -19.21 -13.47 -26.60
C GLY A 188 -19.92 -12.69 -27.71
N ASP A 189 -20.45 -13.41 -28.69
CA ASP A 189 -21.00 -12.73 -29.89
C ASP A 189 -22.09 -13.61 -30.49
N ASN A 190 -22.42 -13.39 -31.75
CA ASN A 190 -23.52 -14.11 -32.43
C ASN A 190 -23.07 -15.50 -32.90
N THR A 191 -21.78 -15.81 -32.84
CA THR A 191 -21.21 -17.09 -33.34
C THR A 191 -21.10 -18.08 -32.19
N VAL A 192 -20.44 -17.66 -31.10
CA VAL A 192 -20.39 -18.42 -29.84
C VAL A 192 -20.90 -17.53 -28.71
N SER A 193 -22.06 -17.88 -28.16
CA SER A 193 -22.70 -17.07 -27.11
C SER A 193 -22.21 -17.54 -25.74
N LEU A 194 -22.18 -16.64 -24.78
CA LEU A 194 -21.74 -16.93 -23.37
C LEU A 194 -22.88 -16.56 -22.42
N PRO A 195 -23.94 -17.40 -22.40
CA PRO A 195 -25.13 -17.08 -21.63
C PRO A 195 -24.81 -16.67 -20.19
N ASP A 196 -25.32 -15.50 -19.81
CA ASP A 196 -24.90 -14.77 -18.59
C ASP A 196 -25.79 -15.21 -17.43
N LEU A 197 -25.25 -15.89 -16.42
CA LEU A 197 -26.06 -16.30 -15.24
C LEU A 197 -26.58 -15.07 -14.48
N ASP A 198 -27.80 -15.13 -13.97
CA ASP A 198 -28.32 -14.02 -13.15
C ASP A 198 -27.81 -14.25 -11.72
N THR A 199 -26.59 -13.76 -11.47
CA THR A 199 -25.89 -13.97 -10.20
C THR A 199 -26.51 -13.13 -9.07
N THR A 200 -27.56 -12.34 -9.34
CA THR A 200 -28.31 -11.61 -8.28
C THR A 200 -29.38 -12.52 -7.69
N LYS A 201 -29.64 -13.67 -8.29
CA LYS A 201 -30.69 -14.62 -7.79
C LYS A 201 -30.13 -15.51 -6.68
N ASP A 202 -30.86 -15.60 -5.57
CA ASP A 202 -30.40 -16.44 -4.44
C ASP A 202 -30.19 -17.87 -4.93
N VAL A 203 -31.04 -18.43 -5.80
CA VAL A 203 -30.90 -19.83 -6.26
C VAL A 203 -29.55 -20.02 -7.00
N VAL A 204 -29.14 -19.03 -7.77
CA VAL A 204 -27.84 -19.06 -8.53
C VAL A 204 -26.67 -18.92 -7.54
N LYS A 205 -26.73 -17.96 -6.62
CA LYS A 205 -25.69 -17.85 -5.55
C LYS A 205 -25.55 -19.19 -4.81
N ASN A 206 -26.67 -19.74 -4.36
CA ASN A 206 -26.63 -20.97 -3.53
C ASN A 206 -26.02 -22.12 -4.36
N GLU A 207 -26.42 -22.33 -5.62
N GLU A 207 -26.43 -22.23 -5.63
CA GLU A 207 -25.84 -23.46 -6.40
CA GLU A 207 -25.97 -23.32 -6.55
C GLU A 207 -24.34 -23.18 -6.56
C GLU A 207 -24.45 -23.18 -6.76
N TRP A 208 -23.94 -21.96 -6.96
CA TRP A 208 -22.49 -21.72 -7.21
C TRP A 208 -21.70 -21.97 -5.91
N TYR A 209 -22.18 -21.49 -4.77
CA TYR A 209 -21.47 -21.62 -3.48
C TYR A 209 -21.36 -23.10 -3.10
N ASP A 210 -22.44 -23.89 -3.27
CA ASP A 210 -22.34 -25.35 -2.99
C ASP A 210 -21.32 -26.01 -3.93
N TRP A 211 -21.39 -25.68 -5.21
CA TRP A 211 -20.50 -26.25 -6.25
C TRP A 211 -19.04 -25.98 -5.90
N VAL A 212 -18.71 -24.72 -5.64
CA VAL A 212 -17.25 -24.39 -5.52
C VAL A 212 -16.70 -25.07 -4.27
N GLY A 213 -17.45 -25.10 -3.18
CA GLY A 213 -16.99 -25.79 -1.96
C GLY A 213 -16.75 -27.26 -2.24
N SER A 214 -17.68 -27.91 -2.96
CA SER A 214 -17.58 -29.36 -3.24
C SER A 214 -16.51 -29.67 -4.30
N LEU A 215 -16.26 -28.76 -5.24
CA LEU A 215 -15.16 -28.92 -6.22
C LEU A 215 -13.86 -28.93 -5.44
N VAL A 216 -13.68 -27.92 -4.60
CA VAL A 216 -12.40 -27.77 -3.85
C VAL A 216 -12.16 -29.02 -3.01
N SER A 217 -13.17 -29.50 -2.30
N SER A 217 -13.19 -29.45 -2.29
CA SER A 217 -12.97 -30.66 -1.39
CA SER A 217 -13.13 -30.69 -1.44
C SER A 217 -12.86 -31.98 -2.19
C SER A 217 -12.76 -31.91 -2.28
N ASN A 218 -13.54 -32.15 -3.32
CA ASN A 218 -13.42 -33.42 -4.10
C ASN A 218 -12.01 -33.59 -4.69
N TYR A 219 -11.35 -32.51 -5.12
CA TYR A 219 -10.09 -32.60 -5.89
C TYR A 219 -8.93 -32.02 -5.06
N SER A 220 -9.15 -31.76 -3.78
CA SER A 220 -8.11 -31.23 -2.85
C SER A 220 -7.40 -30.04 -3.50
N ILE A 221 -8.17 -29.06 -3.96
CA ILE A 221 -7.62 -27.89 -4.68
C ILE A 221 -7.12 -26.89 -3.63
N ASP A 222 -5.98 -26.24 -3.87
CA ASP A 222 -5.33 -25.37 -2.88
C ASP A 222 -5.74 -23.90 -3.05
N GLY A 223 -6.11 -23.51 -4.29
CA GLY A 223 -6.51 -22.13 -4.57
C GLY A 223 -7.22 -22.05 -5.91
N LEU A 224 -7.88 -20.91 -6.18
CA LEU A 224 -8.69 -20.75 -7.41
C LEU A 224 -8.25 -19.46 -8.11
N ARG A 225 -8.23 -19.51 -9.44
CA ARG A 225 -8.18 -18.32 -10.29
C ARG A 225 -9.60 -18.16 -10.80
N ILE A 226 -10.22 -17.03 -10.45
CA ILE A 226 -11.63 -16.83 -10.80
C ILE A 226 -11.67 -15.93 -12.03
N ASP A 227 -12.14 -16.45 -13.15
CA ASP A 227 -12.16 -15.61 -14.37
C ASP A 227 -13.36 -14.68 -14.30
N THR A 228 -13.27 -13.55 -15.00
N THR A 228 -13.35 -13.66 -15.17
CA THR A 228 -14.48 -12.84 -15.47
CA THR A 228 -14.49 -12.74 -15.48
C THR A 228 -15.12 -12.05 -14.30
C THR A 228 -15.14 -12.24 -14.19
N VAL A 229 -14.33 -11.62 -13.33
CA VAL A 229 -14.85 -11.15 -12.00
C VAL A 229 -15.61 -9.84 -12.20
N LYS A 230 -15.16 -8.99 -13.12
CA LYS A 230 -15.78 -7.63 -13.22
C LYS A 230 -17.15 -7.76 -13.85
N HIS A 231 -17.51 -8.92 -14.40
CA HIS A 231 -18.82 -9.13 -15.10
C HIS A 231 -19.88 -9.68 -14.16
N VAL A 232 -19.53 -9.85 -12.89
CA VAL A 232 -20.46 -10.32 -11.83
C VAL A 232 -20.48 -9.29 -10.72
N GLN A 233 -21.67 -8.89 -10.26
CA GLN A 233 -21.82 -7.81 -9.27
C GLN A 233 -21.06 -8.17 -7.99
N LYS A 234 -20.49 -7.15 -7.36
CA LYS A 234 -19.52 -7.34 -6.25
C LYS A 234 -20.09 -8.18 -5.10
N ASP A 235 -21.37 -8.05 -4.79
CA ASP A 235 -21.97 -8.73 -3.61
C ASP A 235 -22.04 -10.26 -3.78
N PHE A 236 -21.77 -10.79 -4.98
CA PHE A 236 -21.70 -12.25 -5.20
C PHE A 236 -20.45 -12.81 -4.54
N TRP A 237 -19.39 -12.06 -4.60
CA TRP A 237 -18.01 -12.60 -4.46
C TRP A 237 -17.60 -12.93 -3.03
N PRO A 238 -17.98 -12.18 -1.99
CA PRO A 238 -17.59 -12.59 -0.62
C PRO A 238 -18.08 -13.99 -0.26
N GLY A 239 -19.33 -14.30 -0.61
CA GLY A 239 -19.91 -15.61 -0.36
C GLY A 239 -19.22 -16.74 -1.12
N TYR A 240 -18.83 -16.46 -2.36
CA TYR A 240 -18.10 -17.42 -3.24
C TYR A 240 -16.73 -17.70 -2.66
N ASN A 241 -16.01 -16.65 -2.28
CA ASN A 241 -14.62 -16.81 -1.74
C ASN A 241 -14.73 -17.60 -0.44
N LYS A 242 -15.75 -17.34 0.37
CA LYS A 242 -15.93 -18.03 1.67
C LYS A 242 -16.30 -19.49 1.44
N ALA A 243 -17.23 -19.79 0.51
CA ALA A 243 -17.60 -21.19 0.16
C ALA A 243 -16.39 -21.95 -0.37
N ALA A 244 -15.52 -21.33 -1.19
CA ALA A 244 -14.33 -22.02 -1.74
C ALA A 244 -13.40 -22.49 -0.63
N GLY A 245 -13.25 -21.70 0.44
CA GLY A 245 -12.49 -22.12 1.63
C GLY A 245 -10.97 -22.04 1.38
N VAL A 246 -10.57 -21.43 0.26
CA VAL A 246 -9.16 -21.30 -0.17
C VAL A 246 -8.93 -19.89 -0.74
N TYR A 247 -7.68 -19.54 -0.87
CA TYR A 247 -7.25 -18.30 -1.57
C TYR A 247 -7.88 -18.27 -2.98
N CYS A 248 -8.52 -17.15 -3.27
CA CYS A 248 -9.04 -16.86 -4.63
C CYS A 248 -8.37 -15.63 -5.21
N ILE A 249 -7.86 -15.74 -6.45
CA ILE A 249 -7.33 -14.57 -7.19
C ILE A 249 -8.22 -14.34 -8.42
N GLY A 250 -8.76 -13.12 -8.51
CA GLY A 250 -9.71 -12.72 -9.53
C GLY A 250 -9.08 -12.11 -10.76
N GLU A 251 -9.60 -12.46 -11.93
N GLU A 251 -9.59 -12.45 -11.93
CA GLU A 251 -9.35 -11.71 -13.18
CA GLU A 251 -9.32 -11.71 -13.19
C GLU A 251 -10.27 -10.49 -13.26
C GLU A 251 -10.25 -10.50 -13.28
N VAL A 252 -9.71 -9.32 -13.04
CA VAL A 252 -10.42 -8.03 -13.21
C VAL A 252 -9.67 -7.30 -14.33
N LEU A 253 -10.23 -7.35 -15.54
CA LEU A 253 -9.49 -6.97 -16.77
C LEU A 253 -9.56 -5.45 -16.92
N ASP A 254 -8.72 -4.73 -16.19
CA ASP A 254 -8.68 -3.26 -16.25
C ASP A 254 -7.33 -2.77 -15.71
N GLY A 255 -6.67 -1.90 -16.47
CA GLY A 255 -5.36 -1.33 -16.09
C GLY A 255 -5.44 -0.21 -15.05
N ASP A 256 -6.64 0.23 -14.68
CA ASP A 256 -6.80 1.36 -13.76
C ASP A 256 -6.90 0.85 -12.34
N PRO A 257 -5.92 1.06 -11.45
CA PRO A 257 -5.97 0.55 -10.09
C PRO A 257 -7.21 1.04 -9.33
N ALA A 258 -7.76 2.22 -9.68
CA ALA A 258 -8.97 2.77 -9.01
C ALA A 258 -10.21 1.93 -9.37
N TYR A 259 -10.18 1.23 -10.50
CA TYR A 259 -11.26 0.26 -10.88
C TYR A 259 -10.97 -1.13 -10.31
N THR A 260 -9.73 -1.59 -10.47
CA THR A 260 -9.36 -3.01 -10.22
C THR A 260 -9.13 -3.27 -8.73
N CYS A 261 -8.33 -2.47 -8.05
CA CYS A 261 -7.93 -2.75 -6.66
C CYS A 261 -9.13 -2.82 -5.72
N PRO A 262 -10.25 -2.07 -5.89
CA PRO A 262 -11.37 -2.27 -4.97
C PRO A 262 -11.99 -3.68 -4.96
N TYR A 263 -11.73 -4.47 -6.02
CA TYR A 263 -12.21 -5.86 -6.02
C TYR A 263 -11.53 -6.67 -4.92
N GLN A 264 -10.36 -6.26 -4.42
CA GLN A 264 -9.71 -6.93 -3.30
C GLN A 264 -10.48 -6.70 -1.99
N ASN A 265 -11.50 -5.84 -1.96
CA ASN A 265 -12.40 -5.70 -0.80
C ASN A 265 -13.43 -6.85 -0.81
N VAL A 266 -13.60 -7.56 -1.95
CA VAL A 266 -14.57 -8.69 -2.02
C VAL A 266 -13.91 -10.03 -2.33
N MET A 267 -12.62 -10.08 -2.60
CA MET A 267 -11.91 -11.30 -3.00
C MET A 267 -10.48 -11.20 -2.48
N ASP A 268 -9.80 -12.31 -2.21
CA ASP A 268 -8.48 -12.25 -1.54
C ASP A 268 -7.45 -11.48 -2.37
N GLY A 269 -7.40 -11.83 -3.65
CA GLY A 269 -6.44 -11.19 -4.57
C GLY A 269 -7.02 -10.91 -5.94
N VAL A 270 -6.34 -10.07 -6.71
CA VAL A 270 -6.65 -9.95 -8.16
C VAL A 270 -5.37 -10.08 -8.97
N LEU A 271 -5.48 -10.43 -10.24
CA LEU A 271 -4.33 -10.37 -11.17
C LEU A 271 -3.91 -8.92 -11.32
N ASN A 272 -2.61 -8.67 -11.35
CA ASN A 272 -2.10 -7.28 -11.37
C ASN A 272 -2.10 -6.75 -12.82
N TYR A 273 -3.28 -6.50 -13.37
CA TYR A 273 -3.47 -5.80 -14.65
C TYR A 273 -3.00 -4.35 -14.55
N PRO A 274 -3.12 -3.62 -13.41
CA PRO A 274 -2.50 -2.28 -13.31
C PRO A 274 -1.00 -2.28 -13.61
N ILE A 275 -0.24 -3.23 -13.07
CA ILE A 275 1.23 -3.29 -13.33
C ILE A 275 1.49 -3.83 -14.75
N TYR A 276 0.67 -4.79 -15.21
CA TYR A 276 0.83 -5.41 -16.57
C TYR A 276 1.21 -4.38 -17.64
N TYR A 277 0.41 -3.34 -17.85
CA TYR A 277 0.56 -2.46 -19.00
C TYR A 277 1.89 -1.70 -18.94
N PRO A 278 2.23 -0.99 -17.83
CA PRO A 278 3.53 -0.31 -17.76
C PRO A 278 4.70 -1.29 -17.66
N LEU A 279 4.48 -2.50 -17.15
CA LEU A 279 5.61 -3.46 -17.08
C LEU A 279 5.99 -3.88 -18.52
N LEU A 280 4.98 -4.30 -19.29
CA LEU A 280 5.16 -4.64 -20.72
C LEU A 280 5.83 -3.46 -21.42
N ASN A 281 5.29 -2.26 -21.26
CA ASN A 281 5.83 -1.08 -21.99
C ASN A 281 7.28 -0.82 -21.64
N ALA A 282 7.66 -1.03 -20.38
CA ALA A 282 9.00 -0.65 -19.90
C ALA A 282 10.03 -1.56 -20.56
N PHE A 283 9.73 -2.86 -20.70
CA PHE A 283 10.74 -3.83 -21.16
C PHE A 283 10.57 -4.22 -22.64
N LYS A 284 9.47 -3.94 -23.31
CA LYS A 284 9.25 -4.46 -24.69
C LYS A 284 10.12 -3.71 -25.69
N SER A 285 10.70 -2.59 -25.31
CA SER A 285 11.45 -1.70 -26.22
C SER A 285 12.59 -1.04 -25.43
N THR A 286 13.69 -0.75 -26.10
CA THR A 286 14.83 0.01 -25.50
C THR A 286 14.41 1.47 -25.24
N SER A 287 13.25 1.92 -25.72
CA SER A 287 12.70 3.27 -25.43
C SER A 287 11.54 3.21 -24.40
N GLY A 288 11.34 2.08 -23.72
CA GLY A 288 10.19 1.96 -22.80
C GLY A 288 10.31 2.87 -21.57
N SER A 289 9.18 3.23 -20.98
CA SER A 289 9.10 4.18 -19.84
C SER A 289 9.35 3.48 -18.50
N MET A 290 10.53 3.66 -17.93
CA MET A 290 10.73 3.22 -16.53
C MET A 290 9.90 4.08 -15.58
N ASP A 291 9.70 5.37 -15.90
CA ASP A 291 8.87 6.25 -15.03
C ASP A 291 7.47 5.67 -14.85
N ASP A 292 6.81 5.19 -15.89
CA ASP A 292 5.41 4.72 -15.77
C ASP A 292 5.37 3.48 -14.87
N LEU A 293 6.38 2.62 -14.97
CA LEU A 293 6.40 1.40 -14.13
C LEU A 293 6.67 1.77 -12.68
N TYR A 294 7.73 2.56 -12.43
CA TYR A 294 8.10 3.08 -11.09
C TYR A 294 6.84 3.67 -10.45
N ASN A 295 6.13 4.53 -11.17
CA ASN A 295 4.95 5.25 -10.62
C ASN A 295 3.82 4.25 -10.34
N MET A 296 3.61 3.30 -11.22
CA MET A 296 2.52 2.31 -10.97
C MET A 296 2.86 1.42 -9.78
N ILE A 297 4.11 0.98 -9.58
CA ILE A 297 4.42 0.19 -8.38
C ILE A 297 3.98 0.95 -7.11
N ASN A 298 4.29 2.24 -7.08
CA ASN A 298 4.00 3.06 -5.89
C ASN A 298 2.50 3.34 -5.77
N THR A 299 1.80 3.51 -6.88
CA THR A 299 0.32 3.66 -6.85
C THR A 299 -0.32 2.38 -6.31
N VAL A 300 0.11 1.21 -6.80
CA VAL A 300 -0.50 -0.07 -6.34
C VAL A 300 -0.16 -0.31 -4.86
N LYS A 301 1.08 -0.02 -4.46
CA LYS A 301 1.55 -0.27 -3.08
C LYS A 301 0.65 0.48 -2.10
N SER A 302 0.31 1.73 -2.43
N SER A 302 0.30 1.74 -2.41
CA SER A 302 -0.41 2.68 -1.53
CA SER A 302 -0.44 2.63 -1.46
C SER A 302 -1.92 2.48 -1.62
C SER A 302 -1.96 2.42 -1.59
N ASP A 303 -2.46 2.25 -2.82
CA ASP A 303 -3.90 2.40 -3.08
C ASP A 303 -4.61 1.04 -3.26
N CYS A 304 -3.90 -0.08 -3.33
CA CYS A 304 -4.51 -1.41 -3.41
C CYS A 304 -4.56 -1.99 -2.00
N PRO A 305 -5.62 -2.72 -1.61
CA PRO A 305 -5.72 -3.16 -0.23
C PRO A 305 -4.50 -3.97 0.23
N ASP A 306 -3.95 -4.83 -0.62
CA ASP A 306 -2.73 -5.58 -0.22
C ASP A 306 -1.99 -6.04 -1.49
N SER A 307 -0.98 -5.30 -1.88
CA SER A 307 -0.13 -5.57 -3.08
C SER A 307 0.50 -6.98 -2.95
N THR A 308 0.64 -7.51 -1.75
CA THR A 308 1.36 -8.81 -1.55
C THR A 308 0.45 -10.00 -1.80
N LEU A 309 -0.84 -9.77 -2.13
CA LEU A 309 -1.78 -10.85 -2.50
C LEU A 309 -2.26 -10.70 -3.97
N LEU A 310 -1.61 -9.84 -4.73
CA LEU A 310 -1.83 -9.69 -6.19
C LEU A 310 -0.93 -10.69 -6.91
N GLY A 311 -1.24 -10.94 -8.20
CA GLY A 311 -0.43 -11.83 -9.06
C GLY A 311 0.24 -11.08 -10.17
N THR A 312 1.56 -11.13 -10.23
CA THR A 312 2.36 -10.35 -11.20
C THR A 312 2.55 -11.19 -12.44
N PHE A 313 2.33 -10.62 -13.62
CA PHE A 313 2.53 -11.31 -14.90
C PHE A 313 2.86 -10.33 -16.00
N VAL A 314 3.45 -10.84 -17.08
CA VAL A 314 3.54 -10.07 -18.35
C VAL A 314 3.01 -10.86 -19.53
N GLU A 315 2.58 -12.12 -19.33
CA GLU A 315 2.25 -12.99 -20.48
C GLU A 315 1.11 -13.90 -20.02
N ASN A 316 0.10 -14.01 -20.87
CA ASN A 316 -1.04 -14.95 -20.67
C ASN A 316 -1.65 -15.26 -22.04
N HIS A 317 -2.73 -16.04 -22.01
CA HIS A 317 -3.41 -16.58 -23.20
C HIS A 317 -4.43 -15.58 -23.75
N ASP A 318 -4.46 -14.35 -23.21
CA ASP A 318 -5.43 -13.29 -23.60
C ASP A 318 -4.74 -12.04 -24.13
N ASN A 319 -3.41 -12.07 -24.28
CA ASN A 319 -2.62 -10.94 -24.83
C ASN A 319 -1.48 -11.49 -25.68
N PRO A 320 -0.86 -10.68 -26.56
CA PRO A 320 0.30 -11.14 -27.32
C PRO A 320 1.41 -11.53 -26.34
N ARG A 321 2.18 -12.56 -26.61
CA ARG A 321 3.32 -12.92 -25.76
C ARG A 321 4.36 -11.80 -25.80
N PHE A 322 5.18 -11.76 -24.76
CA PHE A 322 6.23 -10.74 -24.65
C PHE A 322 7.12 -10.79 -25.91
N ALA A 323 7.60 -11.98 -26.29
CA ALA A 323 8.49 -12.13 -27.46
C ALA A 323 7.81 -11.77 -28.78
N SER A 324 6.46 -11.67 -28.85
CA SER A 324 5.79 -11.12 -30.06
C SER A 324 6.09 -9.63 -30.22
N TYR A 325 6.47 -8.94 -29.15
CA TYR A 325 6.84 -7.50 -29.22
C TYR A 325 8.32 -7.34 -29.50
N THR A 326 9.15 -8.20 -28.94
CA THR A 326 10.62 -8.10 -29.08
C THR A 326 11.18 -9.49 -28.88
N ASN A 327 12.10 -9.91 -29.73
CA ASN A 327 12.84 -11.18 -29.51
C ASN A 327 14.14 -10.93 -28.75
N ASP A 328 14.35 -9.73 -28.23
CA ASP A 328 15.62 -9.48 -27.46
C ASP A 328 15.62 -10.31 -26.18
N ILE A 329 16.59 -11.21 -26.02
CA ILE A 329 16.57 -12.14 -24.87
C ILE A 329 16.91 -11.43 -23.56
N ALA A 330 17.73 -10.38 -23.59
CA ALA A 330 18.02 -9.58 -22.38
C ALA A 330 16.73 -8.93 -21.87
N LEU A 331 15.94 -8.36 -22.77
CA LEU A 331 14.68 -7.75 -22.34
C LEU A 331 13.77 -8.80 -21.71
N ALA A 332 13.72 -10.00 -22.29
CA ALA A 332 12.90 -11.10 -21.77
C ALA A 332 13.41 -11.53 -20.40
N LYS A 333 14.72 -11.56 -20.18
CA LYS A 333 15.29 -11.93 -18.87
C LYS A 333 14.86 -10.91 -17.81
N ASN A 334 14.94 -9.61 -18.14
CA ASN A 334 14.61 -8.53 -17.17
C ASN A 334 13.13 -8.59 -16.79
N VAL A 335 12.24 -8.80 -17.77
CA VAL A 335 10.80 -8.75 -17.44
C VAL A 335 10.45 -10.00 -16.61
N ALA A 336 11.09 -11.14 -16.86
CA ALA A 336 10.87 -12.37 -16.07
C ALA A 336 11.40 -12.18 -14.64
N ALA A 337 12.58 -11.54 -14.49
CA ALA A 337 13.11 -11.26 -13.14
C ALA A 337 12.15 -10.36 -12.34
N PHE A 338 11.57 -9.34 -13.00
CA PHE A 338 10.65 -8.41 -12.32
C PHE A 338 9.45 -9.21 -11.80
N ILE A 339 8.90 -10.07 -12.66
CA ILE A 339 7.69 -10.86 -12.31
C ILE A 339 7.97 -11.66 -11.04
N ILE A 340 9.14 -12.28 -10.96
CA ILE A 340 9.46 -13.15 -9.82
C ILE A 340 9.75 -12.28 -8.58
N LEU A 341 10.35 -11.08 -8.71
CA LEU A 341 10.83 -10.34 -7.52
C LEU A 341 9.89 -9.22 -7.06
N ASN A 342 8.82 -8.92 -7.78
CA ASN A 342 7.80 -7.92 -7.38
C ASN A 342 7.03 -8.41 -6.16
N ASP A 343 6.35 -7.49 -5.48
CA ASP A 343 5.34 -7.88 -4.49
C ASP A 343 4.36 -8.88 -5.10
N GLY A 344 3.90 -9.80 -4.27
CA GLY A 344 2.81 -10.69 -4.66
C GLY A 344 3.33 -11.97 -5.29
N ILE A 345 2.44 -12.66 -5.99
CA ILE A 345 2.69 -14.04 -6.43
C ILE A 345 3.15 -14.01 -7.89
N PRO A 346 4.37 -14.45 -8.21
CA PRO A 346 4.79 -14.49 -9.60
C PRO A 346 3.90 -15.43 -10.40
N ILE A 347 3.61 -15.11 -11.68
CA ILE A 347 2.83 -16.02 -12.55
C ILE A 347 3.48 -15.98 -13.93
N ILE A 348 4.07 -17.08 -14.33
CA ILE A 348 4.72 -17.29 -15.65
C ILE A 348 3.83 -18.20 -16.49
N TYR A 349 3.60 -17.84 -17.76
CA TYR A 349 2.67 -18.60 -18.64
C TYR A 349 3.49 -19.60 -19.48
N ALA A 350 3.18 -20.90 -19.35
CA ALA A 350 3.82 -22.00 -20.11
C ALA A 350 4.15 -21.53 -21.54
N GLY A 351 5.41 -21.58 -21.90
CA GLY A 351 5.96 -21.14 -23.19
C GLY A 351 6.83 -19.92 -23.02
N GLN A 352 6.55 -19.11 -22.01
CA GLN A 352 7.37 -17.90 -21.77
C GLN A 352 8.82 -18.29 -21.60
N GLU A 353 9.05 -19.37 -20.86
CA GLU A 353 10.41 -19.87 -20.52
C GLU A 353 11.11 -20.42 -21.76
N GLN A 354 10.38 -20.73 -22.83
CA GLN A 354 10.97 -21.15 -24.13
C GLN A 354 10.85 -20.01 -25.13
N HIS A 355 10.63 -18.77 -24.66
CA HIS A 355 10.69 -17.56 -25.53
C HIS A 355 9.65 -17.66 -26.65
N TYR A 356 8.48 -18.22 -26.37
CA TYR A 356 7.41 -18.29 -27.37
C TYR A 356 6.92 -16.90 -27.77
N ALA A 357 6.63 -16.71 -29.06
CA ALA A 357 6.42 -15.35 -29.62
C ALA A 357 5.05 -15.20 -30.27
N GLY A 358 4.11 -16.07 -29.97
CA GLY A 358 2.78 -15.91 -30.57
C GLY A 358 2.08 -14.62 -30.19
N GLY A 359 1.29 -14.12 -31.13
CA GLY A 359 0.43 -12.94 -30.94
C GLY A 359 -0.89 -13.23 -30.29
N ASN A 360 -1.89 -12.41 -30.58
CA ASN A 360 -3.20 -12.60 -29.94
C ASN A 360 -3.83 -13.96 -30.29
N ASP A 361 -4.70 -14.36 -29.37
CA ASP A 361 -5.54 -15.59 -29.46
C ASP A 361 -6.00 -15.79 -30.90
N PRO A 362 -5.76 -16.95 -31.54
CA PRO A 362 -5.27 -18.17 -30.88
C PRO A 362 -3.75 -18.42 -30.88
N ALA A 363 -2.97 -17.45 -31.35
CA ALA A 363 -1.54 -17.65 -31.65
C ALA A 363 -0.73 -17.82 -30.36
N ASN A 364 -1.28 -17.38 -29.23
CA ASN A 364 -0.62 -17.44 -27.91
C ASN A 364 -1.02 -18.69 -27.13
N ARG A 365 -1.63 -19.69 -27.78
CA ARG A 365 -2.00 -20.97 -27.14
C ARG A 365 -1.12 -22.09 -27.70
N GLU A 366 0.13 -21.78 -27.95
CA GLU A 366 1.09 -22.77 -28.50
C GLU A 366 1.23 -23.94 -27.52
N ALA A 367 1.40 -25.15 -28.09
CA ALA A 367 1.75 -26.34 -27.28
C ALA A 367 3.16 -26.24 -26.70
N THR A 368 3.26 -26.48 -25.39
CA THR A 368 4.56 -26.44 -24.68
C THR A 368 5.42 -27.61 -25.15
N TRP A 369 4.81 -28.74 -25.50
CA TRP A 369 5.59 -29.95 -25.84
C TRP A 369 6.39 -29.74 -27.11
N LEU A 370 5.99 -28.84 -28.00
CA LEU A 370 6.71 -28.69 -29.29
C LEU A 370 8.09 -28.06 -29.09
N SER A 371 8.36 -27.52 -27.90
CA SER A 371 9.69 -26.97 -27.54
C SER A 371 10.66 -28.12 -27.31
N GLY A 372 10.13 -29.31 -26.97
CA GLY A 372 10.96 -30.39 -26.42
C GLY A 372 11.29 -30.25 -24.96
N TYR A 373 10.75 -29.24 -24.24
CA TYR A 373 10.91 -29.03 -22.78
C TYR A 373 12.39 -28.97 -22.43
N PRO A 374 13.22 -28.19 -23.13
CA PRO A 374 14.65 -28.08 -22.77
C PRO A 374 14.84 -27.32 -21.45
N THR A 375 15.66 -27.89 -20.55
CA THR A 375 15.96 -27.34 -19.21
C THR A 375 17.23 -26.48 -19.29
N ASP A 376 17.81 -26.35 -20.49
CA ASP A 376 19.06 -25.57 -20.70
C ASP A 376 18.78 -24.33 -21.52
N SER A 377 17.53 -23.95 -21.78
CA SER A 377 17.23 -22.72 -22.55
C SER A 377 17.59 -21.49 -21.68
N GLU A 378 17.77 -20.34 -22.31
CA GLU A 378 18.23 -19.13 -21.59
C GLU A 378 17.20 -18.73 -20.52
N LEU A 379 15.90 -18.77 -20.86
CA LEU A 379 14.89 -18.27 -19.89
C LEU A 379 14.52 -19.34 -18.88
N TYR A 380 14.68 -20.64 -19.17
CA TYR A 380 14.53 -21.66 -18.11
C TYR A 380 15.57 -21.40 -17.02
N LYS A 381 16.80 -21.13 -17.43
CA LYS A 381 17.92 -20.89 -16.48
C LYS A 381 17.71 -19.59 -15.70
N LEU A 382 17.31 -18.52 -16.39
CA LEU A 382 17.04 -17.23 -15.71
C LEU A 382 15.95 -17.45 -14.64
N ILE A 383 14.82 -18.02 -15.04
CA ILE A 383 13.64 -18.19 -14.15
C ILE A 383 14.06 -19.08 -12.98
N ALA A 384 14.80 -20.15 -13.25
CA ALA A 384 15.31 -21.00 -12.17
C ALA A 384 16.16 -20.18 -11.17
N SER A 385 17.08 -19.35 -11.67
CA SER A 385 17.96 -18.51 -10.81
C SER A 385 17.13 -17.55 -9.97
N ALA A 386 16.12 -16.92 -10.58
CA ALA A 386 15.32 -15.92 -9.87
C ALA A 386 14.43 -16.59 -8.83
N ASN A 387 13.69 -17.66 -9.22
CA ASN A 387 12.90 -18.41 -8.23
C ASN A 387 13.83 -18.97 -7.16
N ALA A 388 15.05 -19.36 -7.51
CA ALA A 388 15.91 -19.96 -6.46
C ALA A 388 16.18 -18.95 -5.35
N ILE A 389 16.55 -17.72 -5.70
CA ILE A 389 16.88 -16.70 -4.66
C ILE A 389 15.61 -16.30 -3.90
N ARG A 390 14.47 -16.20 -4.60
CA ARG A 390 13.20 -15.86 -3.92
C ARG A 390 12.86 -16.95 -2.90
N ASN A 391 12.84 -18.22 -3.34
CA ASN A 391 12.51 -19.35 -2.46
C ASN A 391 13.49 -19.42 -1.29
N TYR A 392 14.79 -19.26 -1.56
CA TYR A 392 15.80 -19.28 -0.48
C TYR A 392 15.57 -18.13 0.50
N ALA A 393 15.39 -16.90 0.00
CA ALA A 393 15.24 -15.70 0.85
C ALA A 393 14.01 -15.89 1.75
N ILE A 394 12.90 -16.37 1.18
CA ILE A 394 11.66 -16.62 1.94
C ILE A 394 11.94 -17.65 3.05
N SER A 395 12.69 -18.70 2.74
CA SER A 395 13.00 -19.76 3.72
C SER A 395 13.76 -19.17 4.91
N LYS A 396 14.47 -18.07 4.75
CA LYS A 396 15.32 -17.46 5.80
C LYS A 396 14.73 -16.17 6.38
N ASP A 397 13.65 -15.64 5.80
CA ASP A 397 13.17 -14.28 6.09
C ASP A 397 11.65 -14.34 6.05
N THR A 398 10.99 -14.56 7.19
CA THR A 398 9.51 -14.66 7.25
C THR A 398 8.89 -13.29 6.94
N GLY A 399 9.64 -12.19 6.98
CA GLY A 399 9.15 -10.85 6.60
C GLY A 399 9.27 -10.53 5.11
N PHE A 400 9.93 -11.34 4.29
CA PHE A 400 10.13 -11.04 2.85
C PHE A 400 8.78 -10.75 2.18
N VAL A 401 7.84 -11.67 2.29
CA VAL A 401 6.59 -11.56 1.50
C VAL A 401 5.75 -10.36 1.97
N THR A 402 5.89 -9.86 3.22
CA THR A 402 5.04 -8.73 3.67
C THR A 402 5.80 -7.41 3.67
N TYR A 403 7.08 -7.40 3.30
CA TYR A 403 7.84 -6.15 3.09
C TYR A 403 7.48 -5.60 1.71
N LYS A 404 6.85 -4.42 1.63
CA LYS A 404 6.36 -3.93 0.34
C LYS A 404 7.53 -3.46 -0.53
N ASN A 405 7.59 -4.01 -1.71
CA ASN A 405 8.64 -3.72 -2.71
C ASN A 405 8.83 -2.21 -2.85
N TRP A 406 10.05 -1.78 -2.81
CA TRP A 406 10.44 -0.34 -2.81
C TRP A 406 11.31 0.00 -4.01
N PRO A 407 10.77 0.74 -4.99
CA PRO A 407 11.60 1.23 -6.09
C PRO A 407 12.52 2.35 -5.58
N ILE A 408 13.82 2.13 -5.62
CA ILE A 408 14.84 3.06 -5.04
C ILE A 408 15.59 3.89 -6.09
N TYR A 409 15.45 3.61 -7.38
CA TYR A 409 16.20 4.30 -8.46
C TYR A 409 15.49 4.09 -9.78
N LYS A 410 15.52 5.12 -10.61
CA LYS A 410 15.19 5.00 -12.04
C LYS A 410 16.02 6.00 -12.84
N ASP A 411 16.31 5.65 -14.08
CA ASP A 411 16.80 6.59 -15.12
C ASP A 411 16.12 6.22 -16.45
N ASP A 412 16.62 6.69 -17.58
CA ASP A 412 15.95 6.44 -18.87
C ASP A 412 15.90 4.93 -19.18
N THR A 413 16.89 4.15 -18.72
CA THR A 413 17.02 2.73 -19.12
C THR A 413 17.09 1.77 -17.93
N THR A 414 16.74 2.20 -16.72
CA THR A 414 17.08 1.45 -15.47
C THR A 414 15.97 1.65 -14.45
N ILE A 415 15.61 0.55 -13.77
CA ILE A 415 14.84 0.63 -12.50
C ILE A 415 15.50 -0.28 -11.48
N ALA A 416 15.61 0.16 -10.24
CA ALA A 416 16.13 -0.70 -9.15
C ALA A 416 15.15 -0.71 -7.99
N MET A 417 14.99 -1.88 -7.38
CA MET A 417 13.98 -2.04 -6.31
C MET A 417 14.54 -2.89 -5.21
N ARG A 418 14.01 -2.70 -4.00
N ARG A 418 14.00 -2.73 -4.00
CA ARG A 418 14.49 -3.45 -2.82
CA ARG A 418 14.51 -3.37 -2.74
C ARG A 418 13.30 -4.13 -2.15
C ARG A 418 13.36 -4.08 -2.03
N LYS A 419 13.49 -5.36 -1.69
CA LYS A 419 12.46 -6.12 -0.97
C LYS A 419 13.13 -7.05 0.02
N GLY A 420 12.65 -7.01 1.25
CA GLY A 420 13.03 -7.94 2.31
C GLY A 420 13.52 -7.23 3.55
N THR A 421 13.65 -8.01 4.59
CA THR A 421 14.07 -7.58 5.94
C THR A 421 15.49 -6.99 5.90
N ASP A 422 15.70 -5.87 6.58
CA ASP A 422 17.03 -5.23 6.71
C ASP A 422 18.11 -6.29 6.98
N GLY A 423 19.18 -6.27 6.21
CA GLY A 423 20.29 -7.23 6.36
C GLY A 423 20.15 -8.44 5.44
N SER A 424 18.94 -8.69 4.95
CA SER A 424 18.61 -9.87 4.09
C SER A 424 17.91 -9.45 2.79
N GLN A 425 17.92 -8.15 2.48
CA GLN A 425 17.07 -7.64 1.38
C GLN A 425 17.69 -8.09 0.05
N ILE A 426 16.81 -8.40 -0.88
CA ILE A 426 17.15 -8.57 -2.31
C ILE A 426 17.06 -7.19 -2.97
N VAL A 427 18.14 -6.80 -3.62
CA VAL A 427 18.17 -5.53 -4.38
C VAL A 427 18.36 -5.87 -5.87
N THR A 428 17.37 -5.47 -6.67
CA THR A 428 17.26 -5.88 -8.08
C THR A 428 17.44 -4.65 -8.95
N ILE A 429 18.35 -4.74 -9.93
CA ILE A 429 18.59 -3.65 -10.90
C ILE A 429 18.25 -4.20 -12.29
N LEU A 430 17.23 -3.61 -12.94
CA LEU A 430 16.71 -4.05 -14.24
C LEU A 430 16.95 -2.95 -15.27
N SER A 431 17.11 -3.36 -16.52
CA SER A 431 17.54 -2.46 -17.60
C SER A 431 16.70 -2.76 -18.84
N ASN A 432 16.45 -1.75 -19.65
CA ASN A 432 15.87 -1.96 -20.99
C ASN A 432 16.89 -1.63 -22.08
N LYS A 433 18.19 -1.63 -21.75
CA LYS A 433 19.20 -1.41 -22.80
C LYS A 433 19.21 -2.55 -23.82
N GLY A 434 18.78 -3.76 -23.47
CA GLY A 434 18.79 -4.88 -24.43
C GLY A 434 20.17 -5.48 -24.65
N ALA A 435 20.22 -6.50 -25.49
CA ALA A 435 21.39 -7.39 -25.62
C ALA A 435 22.61 -6.62 -26.14
N SER A 436 22.45 -5.50 -26.81
CA SER A 436 23.61 -4.72 -27.30
C SER A 436 23.95 -3.58 -26.34
N GLY A 437 23.42 -3.59 -25.10
CA GLY A 437 23.72 -2.54 -24.12
C GLY A 437 25.20 -2.45 -23.84
N ASP A 438 25.65 -1.24 -23.53
CA ASP A 438 27.08 -0.97 -23.23
C ASP A 438 27.47 -1.49 -21.85
N SER A 439 28.77 -1.52 -21.58
CA SER A 439 29.34 -1.92 -20.28
C SER A 439 29.68 -0.66 -19.49
N TYR A 440 29.14 -0.53 -18.28
CA TYR A 440 29.40 0.64 -17.40
C TYR A 440 29.14 0.23 -15.95
N THR A 441 29.47 1.11 -15.02
CA THR A 441 29.23 0.90 -13.56
C THR A 441 28.13 1.87 -13.16
N LEU A 442 27.03 1.36 -12.60
CA LEU A 442 25.99 2.24 -12.00
C LEU A 442 26.29 2.37 -10.51
N SER A 443 26.44 3.59 -10.02
CA SER A 443 26.66 3.84 -8.57
C SER A 443 25.29 3.95 -7.91
N LEU A 444 24.88 2.87 -7.25
CA LEU A 444 23.48 2.77 -6.74
C LEU A 444 23.41 3.17 -5.26
N SER A 445 22.62 4.20 -4.96
CA SER A 445 22.35 4.63 -3.57
C SER A 445 21.00 4.05 -3.10
N GLY A 446 20.85 3.87 -1.79
CA GLY A 446 19.55 3.56 -1.16
C GLY A 446 19.27 2.08 -1.06
N ALA A 447 20.25 1.22 -1.32
CA ALA A 447 20.12 -0.25 -1.24
C ALA A 447 20.02 -0.68 0.22
N GLY A 448 20.62 0.06 1.14
CA GLY A 448 20.41 -0.19 2.59
C GLY A 448 21.40 -1.18 3.18
N TYR A 449 22.40 -1.58 2.42
CA TYR A 449 23.44 -2.50 2.90
C TYR A 449 24.53 -1.66 3.57
N THR A 450 25.34 -2.26 4.44
CA THR A 450 26.42 -1.54 5.16
C THR A 450 27.74 -1.59 4.39
N ALA A 451 28.51 -0.52 4.53
CA ALA A 451 29.86 -0.33 3.95
C ALA A 451 30.72 -1.59 4.15
N GLY A 452 31.37 -2.06 3.08
CA GLY A 452 32.24 -3.27 3.07
C GLY A 452 31.47 -4.57 2.90
N GLN A 453 30.15 -4.53 2.94
CA GLN A 453 29.34 -5.75 2.79
C GLN A 453 29.60 -6.37 1.42
N GLN A 454 29.90 -7.66 1.36
CA GLN A 454 29.94 -8.43 0.10
C GLN A 454 28.51 -8.85 -0.30
N LEU A 455 28.17 -8.61 -1.56
CA LEU A 455 26.89 -9.04 -2.17
C LEU A 455 27.23 -10.00 -3.30
N THR A 456 26.38 -11.00 -3.47
CA THR A 456 26.43 -11.87 -4.65
C THR A 456 25.36 -11.38 -5.63
N GLU A 457 25.74 -11.22 -6.91
CA GLU A 457 24.78 -11.05 -8.03
C GLU A 457 24.37 -12.48 -8.42
N VAL A 458 23.18 -12.93 -8.01
CA VAL A 458 22.81 -14.38 -8.02
C VAL A 458 22.38 -14.87 -9.42
N ILE A 459 22.26 -14.00 -10.42
CA ILE A 459 21.90 -14.43 -11.81
C ILE A 459 23.20 -14.89 -12.48
N GLY A 460 24.24 -14.07 -12.42
CA GLY A 460 25.55 -14.36 -13.06
C GLY A 460 26.62 -14.85 -12.10
N CYS A 461 26.37 -14.82 -10.78
CA CYS A 461 27.20 -15.40 -9.70
C CYS A 461 28.53 -14.65 -9.53
N THR A 462 28.55 -13.38 -9.85
CA THR A 462 29.66 -12.44 -9.51
C THR A 462 29.41 -11.83 -8.13
N THR A 463 30.40 -11.15 -7.60
CA THR A 463 30.34 -10.48 -6.27
C THR A 463 30.59 -8.99 -6.49
N VAL A 464 29.91 -8.15 -5.72
CA VAL A 464 30.20 -6.68 -5.65
C VAL A 464 30.36 -6.34 -4.17
N THR A 465 31.09 -5.28 -3.88
CA THR A 465 31.31 -4.86 -2.48
C THR A 465 30.70 -3.47 -2.30
N VAL A 466 29.96 -3.24 -1.21
CA VAL A 466 29.34 -1.93 -0.92
C VAL A 466 30.50 -0.98 -0.55
N GLY A 467 30.52 0.24 -1.09
CA GLY A 467 31.62 1.22 -0.84
C GLY A 467 31.53 1.85 0.54
N SER A 468 32.60 2.53 0.98
CA SER A 468 32.64 3.25 2.29
C SER A 468 31.48 4.24 2.40
N ASP A 469 31.03 4.85 1.29
CA ASP A 469 29.88 5.80 1.24
C ASP A 469 28.52 5.08 1.27
N GLY A 470 28.48 3.73 1.25
CA GLY A 470 27.22 2.96 1.25
C GLY A 470 26.61 2.80 -0.15
N ASN A 471 27.26 3.32 -1.18
CA ASN A 471 26.78 3.16 -2.59
C ASN A 471 27.27 1.81 -3.11
N VAL A 472 26.44 1.12 -3.91
CA VAL A 472 26.84 -0.17 -4.53
C VAL A 472 27.32 0.11 -5.95
N PRO A 473 28.57 -0.26 -6.32
CA PRO A 473 29.06 -0.12 -7.69
C PRO A 473 28.60 -1.33 -8.52
N VAL A 474 27.47 -1.18 -9.20
CA VAL A 474 26.81 -2.30 -9.94
C VAL A 474 27.36 -2.36 -11.35
N PRO A 475 28.15 -3.40 -11.72
CA PRO A 475 28.58 -3.57 -13.11
C PRO A 475 27.36 -3.89 -13.97
N MET A 476 27.21 -3.10 -15.02
CA MET A 476 26.11 -3.24 -16.00
C MET A 476 26.74 -3.66 -17.33
N ALA A 477 26.14 -4.62 -18.00
CA ALA A 477 26.66 -5.12 -19.29
C ALA A 477 25.56 -5.98 -19.93
N GLY A 478 25.54 -5.98 -21.26
CA GLY A 478 24.71 -6.93 -22.01
C GLY A 478 23.22 -6.70 -21.73
N GLY A 479 22.85 -5.54 -21.20
CA GLY A 479 21.46 -5.29 -20.79
C GLY A 479 20.96 -6.26 -19.71
N LEU A 480 21.84 -6.93 -18.96
CA LEU A 480 21.46 -8.07 -18.12
C LEU A 480 20.84 -7.56 -16.81
N PRO A 481 19.87 -8.30 -16.28
CA PRO A 481 19.33 -7.99 -14.94
C PRO A 481 20.35 -8.41 -13.90
N ARG A 482 20.35 -7.66 -12.79
CA ARG A 482 21.27 -7.91 -11.66
C ARG A 482 20.44 -8.08 -10.40
N VAL A 483 20.66 -9.16 -9.65
CA VAL A 483 19.88 -9.46 -8.42
C VAL A 483 20.85 -9.66 -7.27
N LEU A 484 20.91 -8.72 -6.36
CA LEU A 484 21.92 -8.76 -5.28
C LEU A 484 21.32 -9.31 -3.97
N TYR A 485 22.13 -10.06 -3.25
CA TYR A 485 21.81 -10.61 -1.92
C TYR A 485 23.10 -10.78 -1.13
N PRO A 486 23.10 -10.58 0.18
CA PRO A 486 24.36 -10.66 0.94
C PRO A 486 25.02 -12.03 0.86
N THR A 487 26.32 -12.04 0.54
CA THR A 487 27.10 -13.29 0.35
C THR A 487 27.07 -14.08 1.65
N GLU A 488 27.18 -13.41 2.81
CA GLU A 488 27.21 -14.03 4.17
C GLU A 488 25.88 -14.76 4.39
N LYS A 489 24.77 -14.26 3.83
CA LYS A 489 23.42 -14.89 4.07
C LYS A 489 23.20 -16.13 3.21
N LEU A 490 24.09 -16.43 2.26
CA LEU A 490 23.99 -17.55 1.30
C LEU A 490 24.65 -18.82 1.84
N ALA A 491 25.24 -18.78 3.03
CA ALA A 491 25.86 -19.95 3.71
C ALA A 491 24.90 -21.15 3.61
N GLY A 492 25.36 -22.23 2.99
CA GLY A 492 24.66 -23.52 2.97
C GLY A 492 23.61 -23.63 1.88
N SER A 493 23.30 -22.54 1.16
CA SER A 493 22.42 -22.59 -0.05
C SER A 493 23.16 -23.28 -1.19
N LYS A 494 22.43 -23.73 -2.20
CA LYS A 494 23.02 -24.30 -3.44
C LYS A 494 23.26 -23.18 -4.47
N ILE A 495 23.04 -21.92 -4.10
CA ILE A 495 23.06 -20.78 -5.06
C ILE A 495 24.50 -20.36 -5.33
N CYS A 496 24.91 -20.31 -6.59
CA CYS A 496 26.25 -19.85 -7.00
C CYS A 496 27.34 -20.68 -6.30
N SER A 497 27.13 -21.99 -6.20
CA SER A 497 28.07 -22.93 -5.51
C SER A 497 29.50 -22.69 -5.99
N ALA B 22 -11.03 3.79 7.63
CA ALA B 22 -10.88 4.47 6.37
C ALA B 22 -9.48 4.13 5.83
N THR B 23 -9.35 4.11 4.50
CA THR B 23 -8.12 3.61 3.83
C THR B 23 -7.08 4.71 3.76
N PRO B 24 -5.82 4.35 3.44
CA PRO B 24 -4.82 5.37 3.15
C PRO B 24 -5.29 6.38 2.11
N ALA B 25 -5.93 5.91 1.01
CA ALA B 25 -6.43 6.85 -0.04
C ALA B 25 -7.46 7.81 0.58
N ASP B 26 -8.34 7.31 1.43
CA ASP B 26 -9.37 8.12 2.12
C ASP B 26 -8.69 9.22 2.98
N TRP B 27 -7.57 8.86 3.61
CA TRP B 27 -6.93 9.78 4.59
C TRP B 27 -6.12 10.87 3.90
N ARG B 28 -5.74 10.73 2.62
CA ARG B 28 -4.88 11.76 2.00
C ARG B 28 -5.52 13.15 2.12
N SER B 29 -6.84 13.25 1.99
CA SER B 29 -7.53 14.57 1.91
C SER B 29 -7.78 15.18 3.29
N GLN B 30 -7.41 14.46 4.34
CA GLN B 30 -7.80 14.84 5.73
C GLN B 30 -6.82 15.89 6.25
N SER B 31 -7.25 16.57 7.31
CA SER B 31 -6.47 17.57 8.07
C SER B 31 -6.73 17.27 9.55
N ILE B 32 -5.70 17.02 10.36
CA ILE B 32 -5.85 16.46 11.73
C ILE B 32 -5.58 17.53 12.79
N TYR B 33 -6.49 17.65 13.76
CA TYR B 33 -6.25 18.33 15.05
C TYR B 33 -5.93 17.26 16.09
N PHE B 34 -4.67 17.28 16.54
CA PHE B 34 -4.12 16.34 17.53
C PHE B 34 -4.31 16.97 18.93
N LEU B 35 -4.91 16.25 19.84
CA LEU B 35 -5.20 16.71 21.22
C LEU B 35 -4.83 15.66 22.25
N LEU B 36 -4.52 16.14 23.46
CA LEU B 36 -4.43 15.25 24.65
C LEU B 36 -5.80 15.17 25.27
N THR B 37 -6.35 13.98 25.42
CA THR B 37 -7.73 13.85 25.95
C THR B 37 -7.81 14.50 27.34
N ASP B 38 -6.78 14.35 28.17
CA ASP B 38 -6.84 14.90 29.56
C ASP B 38 -6.74 16.45 29.56
N ARG B 39 -6.33 17.06 28.45
CA ARG B 39 -5.92 18.50 28.42
C ARG B 39 -6.78 19.32 27.47
N PHE B 40 -7.68 18.73 26.67
CA PHE B 40 -8.43 19.53 25.68
C PHE B 40 -9.71 20.17 26.27
N ALA B 41 -10.59 19.36 26.85
CA ALA B 41 -11.95 19.81 27.24
C ALA B 41 -12.49 18.94 28.37
N ARG B 42 -12.96 19.57 29.45
CA ARG B 42 -13.55 18.85 30.59
C ARG B 42 -15.05 18.65 30.30
N THR B 43 -15.68 17.67 30.95
CA THR B 43 -17.14 17.45 30.83
C THR B 43 -17.88 18.75 31.23
N ASP B 44 -17.44 19.44 32.28
CA ASP B 44 -18.17 20.63 32.83
C ASP B 44 -17.92 21.87 31.97
N GLY B 45 -17.04 21.81 30.95
CA GLY B 45 -16.79 22.92 30.02
C GLY B 45 -16.11 24.12 30.66
N SER B 46 -15.52 23.97 31.84
CA SER B 46 -14.78 25.06 32.52
C SER B 46 -13.64 25.54 31.62
N THR B 47 -13.44 26.85 31.54
CA THR B 47 -12.28 27.50 30.94
C THR B 47 -11.36 28.06 32.03
N THR B 48 -11.62 27.77 33.32
CA THR B 48 -10.78 28.28 34.45
C THR B 48 -10.21 27.15 35.31
N ALA B 49 -10.65 25.90 35.16
CA ALA B 49 -10.18 24.78 36.00
C ALA B 49 -8.65 24.69 35.91
N THR B 50 -8.01 24.61 37.07
CA THR B 50 -6.54 24.61 37.25
C THR B 50 -5.95 23.45 36.47
N CYS B 51 -4.90 23.71 35.72
CA CYS B 51 -4.09 22.63 35.12
C CYS B 51 -2.65 23.13 35.12
N ASN B 52 -1.98 22.84 36.24
CA ASN B 52 -0.55 23.17 36.48
C ASN B 52 0.26 22.08 35.80
N THR B 53 0.83 22.37 34.62
CA THR B 53 1.52 21.31 33.86
C THR B 53 2.65 20.72 34.67
N ALA B 54 3.32 21.50 35.54
CA ALA B 54 4.45 20.97 36.35
C ALA B 54 3.99 19.86 37.32
N ASP B 55 2.71 19.83 37.68
CA ASP B 55 2.15 18.81 38.61
C ASP B 55 2.14 17.44 37.93
N GLN B 56 2.06 17.41 36.58
CA GLN B 56 1.95 16.16 35.78
C GLN B 56 0.82 15.25 36.30
N LYS B 57 -0.30 15.84 36.70
CA LYS B 57 -1.46 15.07 37.17
C LYS B 57 -2.63 15.18 36.20
N TYR B 58 -3.57 14.24 36.29
CA TYR B 58 -4.86 14.34 35.57
C TYR B 58 -5.42 15.74 35.85
N CYS B 59 -5.81 16.43 34.79
CA CYS B 59 -6.49 17.74 34.89
C CYS B 59 -7.98 17.61 34.59
N GLY B 60 -8.42 16.45 34.08
CA GLY B 60 -9.85 16.16 33.94
C GLY B 60 -10.46 16.26 32.55
N GLY B 61 -9.68 16.37 31.47
CA GLY B 61 -10.23 16.31 30.11
C GLY B 61 -10.89 14.95 29.83
N THR B 62 -11.99 14.97 29.08
CA THR B 62 -12.80 13.76 28.77
C THR B 62 -13.19 13.70 27.30
N TRP B 63 -13.67 12.53 26.89
CA TRP B 63 -14.24 12.26 25.55
C TRP B 63 -15.52 13.11 25.37
N GLN B 64 -16.35 13.20 26.40
CA GLN B 64 -17.57 14.05 26.33
C GLN B 64 -17.15 15.50 26.15
N GLY B 65 -16.06 15.91 26.78
CA GLY B 65 -15.55 17.28 26.62
C GLY B 65 -15.23 17.56 25.16
N ILE B 66 -14.54 16.62 24.50
CA ILE B 66 -14.22 16.77 23.05
C ILE B 66 -15.51 16.98 22.24
N ILE B 67 -16.50 16.12 22.43
CA ILE B 67 -17.78 16.20 21.68
C ILE B 67 -18.34 17.64 21.75
N ASP B 68 -18.34 18.20 22.95
CA ASP B 68 -18.95 19.53 23.24
C ASP B 68 -18.17 20.65 22.55
N LYS B 69 -16.92 20.40 22.14
CA LYS B 69 -16.07 21.46 21.53
C LYS B 69 -15.80 21.12 20.03
N LEU B 70 -16.57 20.22 19.40
CA LEU B 70 -16.28 19.89 17.99
C LEU B 70 -16.55 21.07 17.05
N ASP B 71 -17.44 22.01 17.40
CA ASP B 71 -17.64 23.21 16.57
C ASP B 71 -16.35 24.03 16.50
N TYR B 72 -15.64 24.11 17.62
CA TYR B 72 -14.38 24.89 17.71
C TYR B 72 -13.35 24.27 16.74
N ILE B 73 -13.22 22.94 16.81
CA ILE B 73 -12.24 22.21 15.95
C ILE B 73 -12.66 22.37 14.48
N GLN B 74 -13.91 22.06 14.16
CA GLN B 74 -14.37 22.02 12.75
C GLN B 74 -14.34 23.44 12.15
N GLY B 75 -14.50 24.47 13.00
CA GLY B 75 -14.41 25.88 12.59
C GLY B 75 -13.05 26.28 12.07
N MET B 76 -11.99 25.52 12.37
CA MET B 76 -10.68 25.74 11.74
C MET B 76 -10.53 24.93 10.45
N GLY B 77 -11.55 24.15 10.07
CA GLY B 77 -11.50 23.41 8.80
C GLY B 77 -10.79 22.07 8.91
N PHE B 78 -10.52 21.58 10.12
CA PHE B 78 -10.03 20.20 10.35
C PHE B 78 -11.13 19.22 9.98
N THR B 79 -10.70 18.07 9.46
CA THR B 79 -11.61 16.96 9.04
C THR B 79 -11.46 15.75 9.93
N ALA B 80 -10.58 15.81 10.93
CA ALA B 80 -10.27 14.64 11.77
C ALA B 80 -9.65 15.10 13.09
N ILE B 81 -9.70 14.26 14.10
CA ILE B 81 -8.92 14.45 15.35
C ILE B 81 -8.09 13.20 15.57
N TRP B 82 -6.95 13.40 16.21
CA TRP B 82 -6.07 12.34 16.76
C TRP B 82 -6.11 12.51 18.28
N ILE B 83 -6.58 11.51 19.00
CA ILE B 83 -6.63 11.52 20.49
C ILE B 83 -5.56 10.59 21.04
N THR B 84 -5.12 10.86 22.25
CA THR B 84 -4.07 10.08 22.95
C THR B 84 -4.68 8.75 23.36
N PRO B 85 -3.86 7.77 23.77
CA PRO B 85 -4.34 6.39 23.94
C PRO B 85 -5.50 6.23 24.92
N VAL B 86 -6.30 5.18 24.69
CA VAL B 86 -7.60 4.99 25.41
C VAL B 86 -7.51 3.84 26.43
N THR B 87 -6.45 3.04 26.45
CA THR B 87 -6.36 1.84 27.28
C THR B 87 -6.17 2.21 28.76
N ALA B 88 -6.57 1.31 29.64
CA ALA B 88 -6.39 1.48 31.09
C ALA B 88 -4.90 1.52 31.44
N GLN B 89 -4.55 2.42 32.34
CA GLN B 89 -3.14 2.75 32.65
C GLN B 89 -2.72 2.23 34.03
N LEU B 90 -1.44 2.34 34.35
CA LEU B 90 -1.04 2.23 35.78
C LEU B 90 -1.86 3.24 36.60
N PRO B 91 -2.22 2.86 37.84
CA PRO B 91 -3.08 3.70 38.66
C PRO B 91 -2.36 4.78 39.49
N GLN B 92 -1.06 4.64 39.73
CA GLN B 92 -0.29 5.43 40.71
C GLN B 92 -0.15 6.86 40.21
N THR B 93 0.03 7.79 41.14
CA THR B 93 0.77 9.05 40.91
C THR B 93 2.23 8.67 41.14
N THR B 94 2.97 8.50 40.03
CA THR B 94 4.40 8.15 40.07
C THR B 94 5.19 9.40 40.48
N ALA B 95 6.48 9.25 40.65
CA ALA B 95 7.41 10.41 40.84
C ALA B 95 7.32 11.35 39.61
N TYR B 96 6.90 10.83 38.46
CA TYR B 96 6.76 11.58 37.20
C TYR B 96 5.30 11.92 36.95
N GLY B 97 4.47 11.77 37.97
CA GLY B 97 3.04 12.11 37.88
C GLY B 97 2.16 10.97 37.40
N ASP B 98 0.97 11.34 36.99
CA ASP B 98 -0.08 10.41 36.56
C ASP B 98 0.13 9.98 35.09
N ALA B 99 -0.51 8.88 34.71
CA ALA B 99 -0.57 8.44 33.30
C ALA B 99 -1.57 9.25 32.49
N TYR B 100 -1.60 10.58 32.67
CA TYR B 100 -2.66 11.43 32.08
C TYR B 100 -2.56 11.42 30.53
N HIS B 101 -1.37 11.15 30.04
CA HIS B 101 -0.98 11.14 28.63
C HIS B 101 -1.37 9.83 27.91
N GLY B 102 -1.58 8.71 28.64
CA GLY B 102 -2.07 7.45 28.07
C GLY B 102 -0.96 6.48 27.59
N TYR B 103 0.30 6.78 27.81
CA TYR B 103 1.40 5.94 27.27
C TYR B 103 1.95 4.91 28.25
N TRP B 104 1.28 4.72 29.37
CA TRP B 104 1.73 3.80 30.46
C TRP B 104 0.65 2.72 30.67
N GLN B 105 0.31 1.96 29.63
CA GLN B 105 -0.88 1.05 29.73
C GLN B 105 -0.58 -0.18 30.59
N GLN B 106 -1.62 -0.75 31.19
CA GLN B 106 -1.51 -2.05 31.91
C GLN B 106 -2.60 -3.03 31.47
N ASP B 107 -3.82 -2.60 31.28
CA ASP B 107 -4.94 -3.51 30.90
C ASP B 107 -5.53 -3.04 29.57
N ILE B 108 -5.11 -3.65 28.47
CA ILE B 108 -5.54 -3.18 27.13
C ILE B 108 -7.02 -3.50 26.83
N TYR B 109 -7.68 -4.36 27.62
CA TYR B 109 -9.11 -4.69 27.44
C TYR B 109 -10.00 -3.86 28.38
N SER B 110 -9.45 -2.85 29.08
CA SER B 110 -10.28 -1.85 29.83
C SER B 110 -9.88 -0.48 29.31
N LEU B 111 -10.82 0.46 29.37
CA LEU B 111 -10.54 1.88 29.06
C LEU B 111 -10.06 2.64 30.29
N ASN B 112 -9.36 3.74 30.03
CA ASN B 112 -8.97 4.70 31.09
C ASN B 112 -10.23 5.43 31.55
N GLU B 113 -10.73 5.08 32.73
CA GLU B 113 -12.03 5.61 33.26
C GLU B 113 -11.91 7.12 33.49
N ASN B 114 -10.72 7.69 33.58
CA ASN B 114 -10.57 9.17 33.68
C ASN B 114 -11.28 9.87 32.53
N TYR B 115 -11.30 9.27 31.34
CA TYR B 115 -11.82 9.96 30.15
C TYR B 115 -13.30 9.68 29.94
N GLY B 116 -13.83 8.69 30.63
CA GLY B 116 -15.24 8.28 30.43
C GLY B 116 -15.39 6.79 30.26
N THR B 117 -16.50 6.37 29.67
CA THR B 117 -16.88 4.94 29.49
C THR B 117 -16.76 4.54 28.03
N ALA B 118 -16.94 3.26 27.75
CA ALA B 118 -17.03 2.76 26.37
C ALA B 118 -18.14 3.47 25.61
N ASP B 119 -19.29 3.75 26.24
CA ASP B 119 -20.38 4.45 25.52
C ASP B 119 -19.97 5.89 25.16
N ASP B 120 -19.17 6.55 26.00
CA ASP B 120 -18.65 7.92 25.73
C ASP B 120 -17.68 7.86 24.54
N LEU B 121 -16.80 6.87 24.49
CA LEU B 121 -15.85 6.78 23.35
C LEU B 121 -16.63 6.49 22.06
N LYS B 122 -17.62 5.58 22.10
CA LYS B 122 -18.48 5.32 20.92
C LYS B 122 -19.23 6.58 20.55
N ALA B 123 -19.68 7.35 21.53
CA ALA B 123 -20.39 8.62 21.30
C ALA B 123 -19.50 9.65 20.58
N LEU B 124 -18.21 9.66 20.93
CA LEU B 124 -17.26 10.60 20.26
C LEU B 124 -17.09 10.22 18.80
N SER B 125 -16.88 8.91 18.54
CA SER B 125 -16.80 8.35 17.17
C SER B 125 -18.06 8.77 16.37
N SER B 126 -19.22 8.53 16.94
N SER B 126 -19.23 8.54 16.94
CA SER B 126 -20.53 8.85 16.32
CA SER B 126 -20.55 8.84 16.31
C SER B 126 -20.63 10.35 16.00
C SER B 126 -20.66 10.35 16.03
N ALA B 127 -20.28 11.20 16.97
CA ALA B 127 -20.38 12.66 16.82
C ALA B 127 -19.50 13.12 15.66
N LEU B 128 -18.25 12.63 15.60
CA LEU B 128 -17.37 12.96 14.46
C LEU B 128 -18.02 12.52 13.14
N HIS B 129 -18.49 11.28 13.05
CA HIS B 129 -19.09 10.71 11.82
C HIS B 129 -20.31 11.56 11.37
N GLU B 130 -21.11 12.06 12.31
CA GLU B 130 -22.29 12.91 11.93
C GLU B 130 -21.82 14.20 11.27
N ARG B 131 -20.60 14.69 11.56
CA ARG B 131 -20.05 15.94 11.00
C ARG B 131 -19.19 15.68 9.77
N GLY B 132 -19.07 14.42 9.33
CA GLY B 132 -18.24 14.04 8.18
C GLY B 132 -16.76 13.97 8.58
N MET B 133 -16.48 13.73 9.85
CA MET B 133 -15.07 13.82 10.35
C MET B 133 -14.59 12.43 10.69
N TYR B 134 -13.28 12.24 10.80
CA TYR B 134 -12.67 10.95 11.20
C TYR B 134 -12.11 11.02 12.63
N LEU B 135 -12.11 9.87 13.26
CA LEU B 135 -11.44 9.60 14.55
C LEU B 135 -10.15 8.81 14.29
N MET B 136 -9.02 9.40 14.72
CA MET B 136 -7.74 8.66 14.82
C MET B 136 -7.40 8.44 16.31
N VAL B 137 -7.01 7.21 16.65
CA VAL B 137 -6.65 6.82 18.05
C VAL B 137 -5.19 6.44 18.09
N ASP B 138 -4.51 6.97 19.10
CA ASP B 138 -3.09 6.67 19.40
C ASP B 138 -3.04 5.29 20.06
N VAL B 139 -2.07 4.48 19.66
CA VAL B 139 -1.87 3.14 20.23
C VAL B 139 -0.38 2.88 20.44
N VAL B 140 -0.07 2.06 21.42
CA VAL B 140 1.32 1.59 21.70
C VAL B 140 1.28 0.06 21.66
N ALA B 141 2.20 -0.55 20.93
CA ALA B 141 2.43 -2.01 20.98
C ALA B 141 3.75 -2.28 21.69
N ASN B 142 4.67 -1.33 21.72
CA ASN B 142 6.04 -1.64 22.19
C ASN B 142 6.06 -2.03 23.69
N HIS B 143 5.28 -1.30 24.50
CA HIS B 143 5.48 -1.35 25.97
C HIS B 143 4.20 -1.15 26.77
N MET B 144 4.27 -1.67 27.97
CA MET B 144 3.35 -1.36 29.09
C MET B 144 4.03 -0.30 29.96
N GLY B 145 3.37 0.13 31.05
CA GLY B 145 3.99 1.06 32.00
C GLY B 145 3.87 0.49 33.41
N TYR B 146 4.86 0.77 34.24
CA TYR B 146 4.92 0.27 35.62
C TYR B 146 5.57 1.32 36.53
N ASP B 147 4.96 1.54 37.71
CA ASP B 147 5.50 2.48 38.72
C ASP B 147 6.62 1.73 39.47
N GLY B 148 7.87 1.98 39.15
CA GLY B 148 9.03 1.42 39.88
C GLY B 148 10.05 0.82 38.95
N ALA B 149 11.09 0.26 39.57
CA ALA B 149 12.28 -0.28 38.88
C ALA B 149 11.91 -1.51 38.03
N GLY B 150 12.63 -1.69 36.92
CA GLY B 150 12.40 -2.83 36.02
C GLY B 150 12.49 -4.16 36.73
N SER B 151 13.43 -4.29 37.65
CA SER B 151 13.63 -5.54 38.43
C SER B 151 12.49 -5.74 39.46
N SER B 152 11.67 -4.73 39.76
CA SER B 152 10.55 -4.81 40.74
C SER B 152 9.24 -5.18 40.05
N VAL B 153 9.20 -5.32 38.72
CA VAL B 153 7.89 -5.39 37.99
C VAL B 153 7.17 -6.68 38.39
N ASP B 154 5.89 -6.56 38.74
CA ASP B 154 4.97 -7.71 38.93
C ASP B 154 4.19 -7.87 37.61
N TYR B 155 4.57 -8.85 36.81
CA TYR B 155 4.02 -8.96 35.43
C TYR B 155 2.55 -9.36 35.45
N SER B 156 2.03 -9.87 36.58
CA SER B 156 0.62 -10.30 36.68
C SER B 156 -0.32 -9.10 36.54
N VAL B 157 0.12 -7.85 36.67
CA VAL B 157 -0.84 -6.70 36.55
C VAL B 157 -1.17 -6.43 35.08
N PHE B 158 -0.36 -6.92 34.13
CA PHE B 158 -0.55 -6.64 32.68
C PHE B 158 -1.63 -7.59 32.11
N LYS B 159 -2.64 -7.04 31.45
CA LYS B 159 -3.71 -7.87 30.83
C LYS B 159 -3.74 -7.54 29.35
N PRO B 160 -3.57 -8.54 28.44
CA PRO B 160 -3.48 -9.98 28.75
C PRO B 160 -2.08 -10.55 29.03
N PHE B 161 -1.06 -9.71 28.99
CA PHE B 161 0.36 -10.14 28.99
C PHE B 161 0.82 -10.37 30.44
N SER B 162 0.14 -11.25 31.16
CA SER B 162 0.26 -11.40 32.64
C SER B 162 1.42 -12.33 33.03
N SER B 163 2.51 -12.30 32.29
CA SER B 163 3.69 -13.16 32.56
C SER B 163 4.94 -12.49 32.04
N GLN B 164 6.06 -12.66 32.74
CA GLN B 164 7.39 -12.25 32.28
C GLN B 164 7.69 -12.91 30.91
N ASP B 165 7.09 -14.06 30.62
CA ASP B 165 7.33 -14.82 29.36
C ASP B 165 6.97 -13.97 28.13
N TYR B 166 6.10 -12.97 28.24
CA TYR B 166 5.70 -12.13 27.08
C TYR B 166 6.68 -10.98 26.82
N PHE B 167 7.72 -10.79 27.64
CA PHE B 167 8.57 -9.58 27.65
C PHE B 167 10.02 -9.93 27.32
N HIS B 168 10.71 -8.99 26.71
CA HIS B 168 12.18 -8.97 26.58
C HIS B 168 12.82 -8.87 27.95
N PRO B 169 13.93 -9.59 28.16
CA PRO B 169 14.71 -9.41 29.37
C PRO B 169 15.00 -7.92 29.64
N PHE B 170 15.03 -7.57 30.94
CA PHE B 170 15.24 -6.18 31.39
C PHE B 170 16.65 -5.69 31.02
N CYS B 171 16.76 -4.61 30.25
CA CYS B 171 18.00 -3.86 29.93
C CYS B 171 17.55 -2.48 29.45
N PHE B 172 18.43 -1.49 29.48
CA PHE B 172 18.17 -0.16 28.86
C PHE B 172 18.91 -0.03 27.54
N ILE B 173 18.39 0.84 26.66
CA ILE B 173 19.08 1.18 25.38
C ILE B 173 20.26 2.10 25.71
N GLN B 174 21.47 1.59 25.49
CA GLN B 174 22.77 2.23 25.75
C GLN B 174 23.42 2.64 24.43
N ASN B 175 23.11 1.93 23.35
CA ASN B 175 23.74 2.11 22.03
C ASN B 175 22.61 2.34 21.00
N TYR B 176 22.23 3.59 20.75
CA TYR B 176 21.12 3.90 19.80
C TYR B 176 21.58 3.62 18.35
N GLU B 177 22.89 3.40 18.09
CA GLU B 177 23.43 2.94 16.77
C GLU B 177 23.19 1.42 16.57
N ASP B 178 22.80 0.69 17.60
CA ASP B 178 22.52 -0.77 17.54
C ASP B 178 21.02 -0.98 17.44
N GLN B 179 20.51 -1.16 16.22
CA GLN B 179 19.04 -1.25 16.01
C GLN B 179 18.43 -2.44 16.75
N THR B 180 19.19 -3.53 16.96
CA THR B 180 18.69 -4.70 17.72
C THR B 180 18.45 -4.29 19.19
N GLN B 181 19.35 -3.48 19.76
CA GLN B 181 19.23 -3.03 21.15
C GLN B 181 18.04 -2.04 21.24
N VAL B 182 17.90 -1.17 20.23
CA VAL B 182 16.78 -0.17 20.16
C VAL B 182 15.46 -0.92 20.23
N GLU B 183 15.39 -2.12 19.65
CA GLU B 183 14.14 -2.92 19.60
C GLU B 183 13.97 -3.81 20.84
N ASP B 184 15.07 -4.39 21.35
CA ASP B 184 14.98 -5.49 22.34
C ASP B 184 15.07 -4.96 23.79
N CYS B 185 15.65 -3.78 23.99
CA CYS B 185 15.86 -3.22 25.36
C CYS B 185 14.68 -2.30 25.70
N TRP B 186 14.55 -1.97 26.98
CA TRP B 186 13.41 -1.18 27.51
C TRP B 186 13.63 0.31 27.37
N LEU B 187 12.56 1.04 27.05
CA LEU B 187 12.50 2.49 27.20
C LEU B 187 12.27 2.83 28.70
N GLY B 188 12.23 4.10 29.02
CA GLY B 188 11.95 4.55 30.40
C GLY B 188 13.18 4.35 31.29
N ASP B 189 12.96 4.19 32.59
CA ASP B 189 14.07 4.16 33.57
C ASP B 189 13.61 3.37 34.78
N ASN B 190 14.32 3.47 35.89
CA ASN B 190 13.95 2.68 37.10
C ASN B 190 12.98 3.47 37.99
N THR B 191 12.51 4.63 37.55
CA THR B 191 11.47 5.41 38.27
C THR B 191 10.11 5.05 37.70
N VAL B 192 9.93 5.18 36.37
CA VAL B 192 8.73 4.61 35.68
C VAL B 192 9.29 3.72 34.58
N SER B 193 9.16 2.42 34.76
CA SER B 193 9.69 1.45 33.79
C SER B 193 8.63 1.15 32.72
N LEU B 194 9.12 0.83 31.52
CA LEU B 194 8.22 0.60 30.36
C LEU B 194 8.48 -0.81 29.84
N PRO B 195 7.92 -1.84 30.52
CA PRO B 195 8.27 -3.22 30.16
C PRO B 195 8.07 -3.47 28.65
N ASP B 196 9.08 -4.04 28.03
CA ASP B 196 9.20 -4.12 26.55
C ASP B 196 8.67 -5.48 26.06
N LEU B 197 7.56 -5.48 25.35
CA LEU B 197 6.94 -6.73 24.86
C LEU B 197 7.90 -7.44 23.89
N ASP B 198 7.97 -8.76 23.97
CA ASP B 198 8.75 -9.54 22.96
C ASP B 198 7.86 -9.72 21.73
N THR B 199 7.88 -8.72 20.86
CA THR B 199 7.09 -8.64 19.63
C THR B 199 7.65 -9.60 18.55
N THR B 200 8.69 -10.38 18.82
CA THR B 200 9.14 -11.46 17.91
C THR B 200 8.38 -12.77 18.21
N LYS B 201 7.66 -12.86 19.34
CA LYS B 201 6.92 -14.10 19.72
C LYS B 201 5.57 -14.16 19.01
N ASP B 202 5.25 -15.31 18.39
CA ASP B 202 3.95 -15.50 17.72
C ASP B 202 2.80 -15.16 18.68
N VAL B 203 2.87 -15.55 19.94
CA VAL B 203 1.73 -15.32 20.86
C VAL B 203 1.54 -13.80 21.06
N VAL B 204 2.62 -13.03 21.13
CA VAL B 204 2.51 -11.55 21.30
C VAL B 204 1.93 -10.93 20.02
N LYS B 205 2.40 -11.35 18.85
CA LYS B 205 1.83 -10.85 17.58
C LYS B 205 0.34 -11.18 17.55
N ASN B 206 -0.02 -12.44 17.82
CA ASN B 206 -1.45 -12.80 17.65
C ASN B 206 -2.32 -12.01 18.63
N GLU B 207 -1.89 -11.83 19.86
N GLU B 207 -1.86 -11.84 19.87
CA GLU B 207 -2.73 -11.08 20.81
CA GLU B 207 -2.57 -11.09 20.94
C GLU B 207 -2.84 -9.63 20.32
C GLU B 207 -2.78 -9.63 20.47
N TRP B 208 -1.74 -8.99 19.97
CA TRP B 208 -1.85 -7.57 19.53
C TRP B 208 -2.72 -7.48 18.28
N TYR B 209 -2.57 -8.40 17.32
CA TYR B 209 -3.37 -8.34 16.07
C TYR B 209 -4.88 -8.53 16.37
N ASP B 210 -5.26 -9.49 17.21
CA ASP B 210 -6.67 -9.67 17.60
C ASP B 210 -7.16 -8.41 18.31
N TRP B 211 -6.31 -7.83 19.17
CA TRP B 211 -6.71 -6.64 19.97
C TRP B 211 -7.02 -5.49 19.03
N VAL B 212 -6.10 -5.16 18.13
CA VAL B 212 -6.21 -3.90 17.33
C VAL B 212 -7.43 -4.01 16.40
N GLY B 213 -7.68 -5.19 15.82
CA GLY B 213 -8.88 -5.41 14.99
C GLY B 213 -10.15 -5.16 15.78
N SER B 214 -10.20 -5.67 17.00
CA SER B 214 -11.40 -5.52 17.87
C SER B 214 -11.54 -4.08 18.38
N LEU B 215 -10.44 -3.39 18.71
CA LEU B 215 -10.52 -1.96 19.14
C LEU B 215 -11.16 -1.16 18.03
N VAL B 216 -10.66 -1.29 16.81
CA VAL B 216 -11.12 -0.50 15.64
C VAL B 216 -12.61 -0.77 15.41
N SER B 217 -13.00 -2.03 15.43
CA SER B 217 -14.40 -2.44 15.19
C SER B 217 -15.30 -1.90 16.32
N ASN B 218 -14.93 -2.06 17.58
CA ASN B 218 -15.81 -1.71 18.73
C ASN B 218 -16.09 -0.21 18.71
N TYR B 219 -15.08 0.61 18.36
CA TYR B 219 -15.19 2.09 18.55
C TYR B 219 -15.36 2.78 17.21
N SER B 220 -15.51 2.03 16.10
CA SER B 220 -15.64 2.62 14.73
C SER B 220 -14.52 3.65 14.49
N ILE B 221 -13.27 3.24 14.75
CA ILE B 221 -12.09 4.12 14.59
C ILE B 221 -11.72 4.17 13.10
N ASP B 222 -11.36 5.35 12.56
CA ASP B 222 -11.10 5.54 11.13
C ASP B 222 -9.61 5.33 10.79
N GLY B 223 -8.71 5.60 11.76
CA GLY B 223 -7.27 5.53 11.56
C GLY B 223 -6.54 5.42 12.87
N LEU B 224 -5.27 5.02 12.83
CA LEU B 224 -4.47 4.89 14.05
C LEU B 224 -3.19 5.71 13.90
N ARG B 225 -2.78 6.35 14.98
CA ARG B 225 -1.39 6.83 15.13
C ARG B 225 -0.68 5.79 15.99
N ILE B 226 0.33 5.13 15.45
CA ILE B 226 1.07 4.09 16.18
C ILE B 226 2.32 4.75 16.75
N ASP B 227 2.41 4.81 18.07
CA ASP B 227 3.64 5.40 18.67
C ASP B 227 4.70 4.32 18.66
N THR B 228 5.91 4.78 18.86
CA THR B 228 7.02 3.89 19.32
C THR B 228 7.38 2.85 18.25
N VAL B 229 7.28 3.19 16.97
CA VAL B 229 7.44 2.20 15.85
C VAL B 229 8.90 1.72 15.75
N LYS B 230 9.90 2.59 15.87
CA LYS B 230 11.30 2.16 15.61
C LYS B 230 11.78 1.21 16.70
N HIS B 231 11.06 1.09 17.82
CA HIS B 231 11.44 0.21 18.94
C HIS B 231 10.83 -1.18 18.80
N VAL B 232 10.13 -1.43 17.71
CA VAL B 232 9.52 -2.76 17.42
C VAL B 232 10.08 -3.23 16.07
N GLN B 233 10.57 -4.47 15.96
CA GLN B 233 11.16 -4.93 14.67
C GLN B 233 10.15 -4.78 13.53
N LYS B 234 10.65 -4.45 12.34
CA LYS B 234 9.77 -4.12 11.20
C LYS B 234 8.80 -5.24 10.88
N ASP B 235 9.21 -6.51 10.97
CA ASP B 235 8.31 -7.60 10.54
C ASP B 235 7.04 -7.69 11.38
N PHE B 236 6.96 -7.00 12.52
CA PHE B 236 5.72 -6.98 13.34
C PHE B 236 4.64 -6.17 12.64
N TRP B 237 5.03 -5.11 11.95
CA TRP B 237 4.07 -4.06 11.54
C TRP B 237 3.10 -4.45 10.44
N PRO B 238 3.47 -5.17 9.35
CA PRO B 238 2.47 -5.43 8.30
C PRO B 238 1.22 -6.17 8.84
N GLY B 239 1.42 -7.18 9.69
CA GLY B 239 0.30 -7.95 10.28
C GLY B 239 -0.55 -7.08 11.21
N TYR B 240 0.09 -6.11 11.89
CA TYR B 240 -0.65 -5.14 12.77
C TYR B 240 -1.51 -4.20 11.92
N ASN B 241 -0.90 -3.58 10.91
CA ASN B 241 -1.57 -2.60 10.01
C ASN B 241 -2.77 -3.33 9.36
N LYS B 242 -2.56 -4.58 8.92
CA LYS B 242 -3.63 -5.31 8.20
C LYS B 242 -4.75 -5.69 9.18
N ALA B 243 -4.40 -6.11 10.40
CA ALA B 243 -5.41 -6.46 11.43
C ALA B 243 -6.23 -5.23 11.80
N ALA B 244 -5.59 -4.06 11.93
CA ALA B 244 -6.33 -2.79 12.19
C ALA B 244 -7.35 -2.52 11.09
N GLY B 245 -6.96 -2.71 9.81
CA GLY B 245 -7.86 -2.56 8.65
C GLY B 245 -8.18 -1.12 8.33
N VAL B 246 -7.34 -0.19 8.79
CA VAL B 246 -7.50 1.26 8.59
C VAL B 246 -6.08 1.82 8.36
N TYR B 247 -6.01 3.00 7.79
CA TYR B 247 -4.77 3.80 7.70
C TYR B 247 -4.08 3.84 9.07
N CYS B 248 -2.79 3.49 9.06
CA CYS B 248 -1.92 3.63 10.25
C CYS B 248 -0.75 4.56 9.92
N ILE B 249 -0.54 5.58 10.76
CA ILE B 249 0.60 6.52 10.64
C ILE B 249 1.51 6.27 11.84
N GLY B 250 2.76 5.92 11.56
CA GLY B 250 3.68 5.55 12.64
C GLY B 250 4.58 6.69 13.09
N GLU B 251 4.87 6.74 14.39
N GLU B 251 4.89 6.68 14.38
CA GLU B 251 5.92 7.62 14.93
CA GLU B 251 5.92 7.54 15.01
C GLU B 251 7.25 6.88 14.82
C GLU B 251 7.29 6.87 14.85
N VAL B 252 8.10 7.36 13.91
CA VAL B 252 9.51 6.90 13.74
C VAL B 252 10.35 8.15 14.00
N LEU B 253 10.89 8.22 15.22
CA LEU B 253 11.52 9.44 15.76
C LEU B 253 12.95 9.51 15.22
N ASP B 254 13.09 9.97 13.97
CA ASP B 254 14.42 10.15 13.33
C ASP B 254 14.30 11.15 12.19
N GLY B 255 15.17 12.18 12.16
CA GLY B 255 15.13 13.19 11.10
C GLY B 255 15.76 12.74 9.79
N ASP B 256 16.39 11.55 9.75
CA ASP B 256 17.08 11.08 8.53
C ASP B 256 16.07 10.32 7.67
N PRO B 257 15.72 10.82 6.46
CA PRO B 257 14.74 10.12 5.61
C PRO B 257 15.23 8.71 5.25
N ALA B 258 16.54 8.44 5.25
CA ALA B 258 17.07 7.10 4.96
C ALA B 258 16.75 6.10 6.07
N TYR B 259 16.51 6.57 7.29
CA TYR B 259 16.13 5.71 8.43
C TYR B 259 14.60 5.64 8.50
N THR B 260 13.93 6.77 8.39
CA THR B 260 12.49 6.90 8.68
C THR B 260 11.64 6.44 7.49
N CYS B 261 11.94 6.86 6.26
CA CYS B 261 11.03 6.58 5.12
C CYS B 261 10.94 5.08 4.82
N PRO B 262 11.95 4.22 5.04
CA PRO B 262 11.76 2.79 4.80
C PRO B 262 10.64 2.12 5.62
N TYR B 263 10.24 2.72 6.77
CA TYR B 263 9.12 2.20 7.57
C TYR B 263 7.80 2.27 6.78
N GLN B 264 7.74 3.04 5.70
CA GLN B 264 6.53 3.09 4.83
C GLN B 264 6.43 1.81 3.96
N ASN B 265 7.43 0.93 4.05
CA ASN B 265 7.32 -0.40 3.40
C ASN B 265 6.69 -1.43 4.34
N VAL B 266 6.45 -1.09 5.61
CA VAL B 266 5.76 -2.05 6.54
C VAL B 266 4.52 -1.40 7.19
N MET B 267 4.26 -0.12 6.94
CA MET B 267 3.15 0.65 7.51
C MET B 267 2.71 1.67 6.47
N ASP B 268 1.45 2.06 6.48
CA ASP B 268 0.91 2.99 5.46
C ASP B 268 1.66 4.32 5.41
N GLY B 269 1.82 4.95 6.56
CA GLY B 269 2.52 6.23 6.63
C GLY B 269 3.33 6.39 7.89
N VAL B 270 4.15 7.44 7.92
CA VAL B 270 4.91 7.82 9.13
C VAL B 270 4.79 9.33 9.32
N LEU B 271 4.96 9.77 10.56
CA LEU B 271 5.10 11.21 10.84
C LEU B 271 6.32 11.76 10.15
N ASN B 272 6.17 12.94 9.57
CA ASN B 272 7.26 13.54 8.77
C ASN B 272 8.30 14.21 9.67
N TYR B 273 9.05 13.41 10.45
CA TYR B 273 10.21 13.89 11.23
C TYR B 273 11.33 14.39 10.30
N PRO B 274 11.54 13.84 9.06
CA PRO B 274 12.54 14.45 8.17
C PRO B 274 12.24 15.92 7.86
N ILE B 275 10.99 16.28 7.58
CA ILE B 275 10.64 17.70 7.31
C ILE B 275 10.66 18.51 8.62
N TYR B 276 10.24 17.93 9.75
CA TYR B 276 10.10 18.64 11.04
C TYR B 276 11.32 19.53 11.32
N TYR B 277 12.51 18.96 11.36
CA TYR B 277 13.74 19.67 11.78
C TYR B 277 14.01 20.90 10.90
N PRO B 278 14.14 20.78 9.55
CA PRO B 278 14.39 21.98 8.74
C PRO B 278 13.19 22.92 8.67
N LEU B 279 11.99 22.41 8.86
CA LEU B 279 10.79 23.29 8.84
C LEU B 279 10.84 24.22 10.06
N LEU B 280 11.09 23.64 11.21
CA LEU B 280 11.21 24.38 12.49
C LEU B 280 12.37 25.36 12.35
N ASN B 281 13.55 24.90 11.87
CA ASN B 281 14.71 25.82 11.75
C ASN B 281 14.41 26.99 10.79
N ALA B 282 13.70 26.73 9.69
CA ALA B 282 13.44 27.74 8.62
C ALA B 282 12.63 28.91 9.21
N PHE B 283 11.64 28.62 10.04
CA PHE B 283 10.67 29.65 10.47
C PHE B 283 10.84 30.07 11.94
N LYS B 284 11.68 29.44 12.75
CA LYS B 284 11.75 29.79 14.20
C LYS B 284 12.63 31.03 14.39
N SER B 285 13.38 31.43 13.37
CA SER B 285 14.16 32.70 13.42
C SER B 285 14.25 33.34 12.04
N THR B 286 14.50 34.64 12.06
CA THR B 286 14.70 35.42 10.82
C THR B 286 15.98 35.02 10.11
N SER B 287 16.85 34.21 10.71
CA SER B 287 18.09 33.71 10.04
C SER B 287 17.96 32.23 9.64
N GLY B 288 16.75 31.66 9.69
CA GLY B 288 16.54 30.23 9.39
C GLY B 288 16.89 29.88 7.96
N SER B 289 17.26 28.62 7.72
CA SER B 289 17.75 28.14 6.42
C SER B 289 16.56 27.77 5.52
N MET B 290 16.28 28.56 4.50
CA MET B 290 15.27 28.16 3.48
C MET B 290 15.84 27.04 2.60
N ASP B 291 17.13 27.05 2.31
CA ASP B 291 17.81 26.02 1.49
C ASP B 291 17.56 24.64 2.13
N ASP B 292 17.71 24.51 3.46
CA ASP B 292 17.61 23.16 4.07
C ASP B 292 16.16 22.65 3.91
N LEU B 293 15.17 23.50 4.07
CA LEU B 293 13.77 23.08 3.91
C LEU B 293 13.48 22.73 2.43
N TYR B 294 13.81 23.63 1.53
CA TYR B 294 13.67 23.40 0.05
C TYR B 294 14.27 22.04 -0.30
N ASN B 295 15.49 21.79 0.14
CA ASN B 295 16.21 20.54 -0.19
C ASN B 295 15.49 19.33 0.44
N MET B 296 15.02 19.42 1.70
CA MET B 296 14.35 18.25 2.31
C MET B 296 13.00 17.98 1.64
N ILE B 297 12.28 19.00 1.18
CA ILE B 297 11.02 18.74 0.45
C ILE B 297 11.34 17.85 -0.76
N ASN B 298 12.42 18.17 -1.46
CA ASN B 298 12.78 17.42 -2.70
C ASN B 298 13.33 16.04 -2.34
N THR B 299 14.09 15.94 -1.26
CA THR B 299 14.58 14.62 -0.80
C THR B 299 13.41 13.71 -0.42
N VAL B 300 12.46 14.19 0.39
CA VAL B 300 11.31 13.35 0.79
C VAL B 300 10.44 12.98 -0.43
N LYS B 301 10.25 13.92 -1.35
CA LYS B 301 9.42 13.70 -2.57
C LYS B 301 9.99 12.49 -3.32
N SER B 302 11.31 12.47 -3.50
N SER B 302 11.31 12.43 -3.49
CA SER B 302 12.02 11.42 -4.28
CA SER B 302 11.98 11.38 -4.31
C SER B 302 12.19 10.13 -3.46
C SER B 302 12.35 10.12 -3.51
N ASP B 303 12.68 10.26 -2.22
CA ASP B 303 13.32 9.14 -1.47
C ASP B 303 12.39 8.51 -0.44
N CYS B 304 11.14 8.96 -0.28
CA CYS B 304 10.17 8.29 0.59
C CYS B 304 9.14 7.62 -0.31
N PRO B 305 8.66 6.40 0.02
CA PRO B 305 7.73 5.71 -0.86
C PRO B 305 6.56 6.56 -1.29
N ASP B 306 5.91 7.29 -0.37
CA ASP B 306 4.78 8.18 -0.78
C ASP B 306 4.67 9.35 0.20
N SER B 307 5.26 10.49 -0.17
CA SER B 307 5.23 11.76 0.59
C SER B 307 3.79 12.14 0.92
N THR B 308 2.79 11.69 0.13
CA THR B 308 1.40 12.15 0.31
C THR B 308 0.67 11.37 1.39
N LEU B 309 1.32 10.38 2.01
CA LEU B 309 0.76 9.60 3.12
C LEU B 309 1.59 9.80 4.40
N LEU B 310 2.47 10.81 4.40
CA LEU B 310 3.19 11.26 5.62
C LEU B 310 2.37 12.34 6.33
N GLY B 311 2.64 12.57 7.63
CA GLY B 311 1.96 13.63 8.42
C GLY B 311 2.89 14.80 8.68
N THR B 312 2.47 15.98 8.28
CA THR B 312 3.31 17.21 8.36
C THR B 312 2.99 17.89 9.69
N PHE B 313 4.01 18.28 10.45
CA PHE B 313 3.80 18.92 11.75
C PHE B 313 5.02 19.80 12.07
N VAL B 314 4.81 20.76 12.98
CA VAL B 314 5.96 21.46 13.63
C VAL B 314 5.82 21.44 15.17
N GLU B 315 4.72 20.94 15.70
CA GLU B 315 4.41 21.02 17.15
C GLU B 315 3.80 19.70 17.60
N ASN B 316 4.21 19.20 18.77
CA ASN B 316 3.57 18.04 19.42
C ASN B 316 3.93 18.11 20.91
N HIS B 317 3.56 17.09 21.64
CA HIS B 317 3.67 16.99 23.11
C HIS B 317 5.05 16.43 23.50
N ASP B 318 5.89 16.16 22.54
CA ASP B 318 7.22 15.55 22.74
C ASP B 318 8.36 16.51 22.37
N ASN B 319 8.08 17.75 21.98
CA ASN B 319 9.12 18.74 21.61
C ASN B 319 8.66 20.09 22.12
N PRO B 320 9.57 21.07 22.26
CA PRO B 320 9.10 22.41 22.58
C PRO B 320 8.11 22.95 21.54
N ARG B 321 7.12 23.68 21.99
CA ARG B 321 6.18 24.32 21.05
C ARG B 321 6.89 25.34 20.16
N PHE B 322 6.32 25.61 18.99
CA PHE B 322 6.94 26.55 18.04
C PHE B 322 7.12 27.92 18.73
N ALA B 323 6.10 28.40 19.47
CA ALA B 323 6.19 29.74 20.13
C ALA B 323 7.19 29.76 21.30
N SER B 324 7.63 28.61 21.82
CA SER B 324 8.75 28.54 22.81
C SER B 324 10.05 29.01 22.16
N TYR B 325 10.20 28.97 20.83
CA TYR B 325 11.42 29.42 20.13
C TYR B 325 11.30 30.90 19.75
N THR B 326 10.11 31.30 19.32
CA THR B 326 9.87 32.70 18.95
C THR B 326 8.41 33.02 19.15
N ASN B 327 8.13 34.20 19.69
CA ASN B 327 6.73 34.70 19.82
C ASN B 327 6.34 35.54 18.60
N ASP B 328 7.13 35.57 17.53
CA ASP B 328 6.74 36.32 16.30
C ASP B 328 5.50 35.70 15.67
N ILE B 329 4.42 36.45 15.58
CA ILE B 329 3.13 35.89 15.10
C ILE B 329 3.22 35.64 13.57
N ALA B 330 3.96 36.44 12.82
CA ALA B 330 4.14 36.22 11.38
C ALA B 330 4.85 34.88 11.16
N LEU B 331 5.87 34.60 11.96
CA LEU B 331 6.63 33.36 11.77
C LEU B 331 5.68 32.18 12.05
N ALA B 332 4.86 32.28 13.10
CA ALA B 332 3.89 31.21 13.43
C ALA B 332 2.85 31.04 12.30
N LYS B 333 2.43 32.13 11.67
CA LYS B 333 1.44 32.06 10.55
C LYS B 333 2.07 31.34 9.35
N ASN B 334 3.32 31.58 9.08
CA ASN B 334 4.01 30.97 7.90
C ASN B 334 4.22 29.48 8.15
N VAL B 335 4.60 29.09 9.37
CA VAL B 335 4.86 27.64 9.61
C VAL B 335 3.53 26.89 9.56
N ALA B 336 2.47 27.47 10.09
CA ALA B 336 1.14 26.84 10.06
C ALA B 336 0.66 26.69 8.62
N ALA B 337 0.81 27.73 7.82
CA ALA B 337 0.50 27.69 6.37
C ALA B 337 1.25 26.52 5.70
N PHE B 338 2.54 26.37 5.98
CA PHE B 338 3.34 25.26 5.42
C PHE B 338 2.73 23.92 5.77
N ILE B 339 2.40 23.73 7.06
CA ILE B 339 1.88 22.43 7.53
C ILE B 339 0.61 22.10 6.74
N ILE B 340 -0.25 23.08 6.56
CA ILE B 340 -1.54 22.79 5.89
C ILE B 340 -1.30 22.55 4.36
N LEU B 341 -0.33 23.17 3.72
CA LEU B 341 -0.26 23.15 2.25
C LEU B 341 0.83 22.21 1.72
N ASN B 342 1.58 21.55 2.60
CA ASN B 342 2.58 20.56 2.18
C ASN B 342 1.91 19.26 1.72
N ASP B 343 2.67 18.42 1.02
CA ASP B 343 2.22 17.01 0.77
C ASP B 343 1.81 16.38 2.09
N GLY B 344 0.88 15.45 2.00
CA GLY B 344 0.46 14.61 3.13
C GLY B 344 -0.56 15.30 3.99
N ILE B 345 -0.68 14.80 5.22
CA ILE B 345 -1.83 15.08 6.09
C ILE B 345 -1.36 16.14 7.08
N PRO B 346 -1.93 17.35 7.05
CA PRO B 346 -1.63 18.37 8.05
C PRO B 346 -1.98 17.89 9.45
N ILE B 347 -1.08 18.18 10.41
CA ILE B 347 -1.33 17.86 11.83
C ILE B 347 -0.95 19.08 12.67
N ILE B 348 -1.96 19.68 13.31
CA ILE B 348 -1.83 20.82 14.24
C ILE B 348 -2.11 20.32 15.66
N TYR B 349 -1.26 20.68 16.61
CA TYR B 349 -1.36 20.23 18.02
C TYR B 349 -2.16 21.26 18.83
N ALA B 350 -3.26 20.83 19.43
CA ALA B 350 -4.14 21.65 20.31
C ALA B 350 -3.30 22.63 21.14
N GLY B 351 -3.58 23.92 20.98
CA GLY B 351 -2.86 25.04 21.60
C GLY B 351 -2.00 25.77 20.62
N GLN B 352 -1.52 25.10 19.56
CA GLN B 352 -0.75 25.81 18.50
C GLN B 352 -1.56 27.01 17.95
N GLU B 353 -2.83 26.82 17.75
CA GLU B 353 -3.75 27.84 17.20
C GLU B 353 -3.98 28.99 18.20
N GLN B 354 -3.67 28.79 19.49
CA GLN B 354 -3.74 29.86 20.51
C GLN B 354 -2.32 30.33 20.87
N HIS B 355 -1.31 29.96 20.07
CA HIS B 355 0.05 30.52 20.20
C HIS B 355 0.67 30.10 21.53
N TYR B 356 0.38 28.88 21.96
CA TYR B 356 0.93 28.34 23.22
C TYR B 356 2.45 28.22 23.08
N ALA B 357 3.17 28.46 24.17
CA ALA B 357 4.64 28.64 24.10
C ALA B 357 5.35 27.74 25.11
N GLY B 358 4.74 26.69 25.58
CA GLY B 358 5.44 25.76 26.50
C GLY B 358 6.62 25.06 25.87
N GLY B 359 7.66 24.82 26.68
CA GLY B 359 8.84 24.07 26.25
C GLY B 359 8.66 22.59 26.44
N ASN B 360 9.76 21.89 26.68
CA ASN B 360 9.67 20.42 26.73
C ASN B 360 8.78 19.94 27.88
N ASP B 361 8.29 18.73 27.65
CA ASP B 361 7.45 17.98 28.59
C ASP B 361 7.95 18.22 30.03
N PRO B 362 7.08 18.61 30.96
CA PRO B 362 5.61 18.70 30.78
C PRO B 362 5.03 20.04 30.32
N ALA B 363 5.86 21.03 29.96
CA ALA B 363 5.41 22.39 29.73
C ALA B 363 4.60 22.52 28.43
N ASN B 364 4.72 21.53 27.55
CA ASN B 364 4.00 21.47 26.26
C ASN B 364 2.68 20.67 26.37
N ARG B 365 2.18 20.40 27.57
CA ARG B 365 0.88 19.68 27.74
C ARG B 365 -0.15 20.61 28.36
N GLU B 366 -0.06 21.89 28.04
CA GLU B 366 -1.03 22.91 28.51
C GLU B 366 -2.46 22.54 28.14
N ALA B 367 -3.40 22.88 29.05
CA ALA B 367 -4.84 22.66 28.86
C ALA B 367 -5.37 23.69 27.84
N THR B 368 -6.09 23.19 26.83
CA THR B 368 -6.59 24.03 25.73
C THR B 368 -7.68 24.91 26.32
N TRP B 369 -8.41 24.40 27.33
CA TRP B 369 -9.59 25.16 27.86
C TRP B 369 -9.16 26.48 28.51
N LEU B 370 -7.93 26.59 29.01
CA LEU B 370 -7.49 27.83 29.69
C LEU B 370 -7.38 28.98 28.70
N SER B 371 -7.32 28.73 27.39
CA SER B 371 -7.34 29.79 26.36
C SER B 371 -8.71 30.44 26.31
N GLY B 372 -9.76 29.73 26.73
CA GLY B 372 -11.15 30.15 26.51
C GLY B 372 -11.61 29.90 25.08
N TYR B 373 -10.81 29.18 24.27
CA TYR B 373 -11.20 28.73 22.92
C TYR B 373 -11.68 29.89 22.04
N PRO B 374 -10.95 31.02 21.96
CA PRO B 374 -11.39 32.10 21.09
C PRO B 374 -11.27 31.74 19.60
N THR B 375 -12.30 32.05 18.82
CA THR B 375 -12.32 31.69 17.39
C THR B 375 -11.86 32.87 16.55
N ASP B 376 -11.42 33.96 17.19
CA ASP B 376 -10.92 35.16 16.49
C ASP B 376 -9.45 35.39 16.83
N SER B 377 -8.74 34.41 17.39
CA SER B 377 -7.28 34.56 17.55
C SER B 377 -6.61 34.55 16.17
N GLU B 378 -5.44 35.16 16.06
CA GLU B 378 -4.69 35.32 14.79
C GLU B 378 -4.50 33.95 14.11
N LEU B 379 -4.01 32.96 14.88
CA LEU B 379 -3.69 31.65 14.28
C LEU B 379 -4.95 30.81 14.04
N TYR B 380 -6.03 31.00 14.81
CA TYR B 380 -7.29 30.27 14.53
C TYR B 380 -7.75 30.70 13.11
N LYS B 381 -7.71 32.00 12.87
CA LYS B 381 -8.17 32.58 11.57
C LYS B 381 -7.21 32.19 10.43
N LEU B 382 -5.89 32.20 10.65
CA LEU B 382 -4.92 31.77 9.63
C LEU B 382 -5.21 30.30 9.24
N ILE B 383 -5.32 29.42 10.24
CA ILE B 383 -5.53 27.96 10.05
C ILE B 383 -6.86 27.74 9.33
N ALA B 384 -7.89 28.49 9.72
CA ALA B 384 -9.23 28.39 9.06
C ALA B 384 -9.07 28.76 7.57
N SER B 385 -8.34 29.82 7.26
CA SER B 385 -8.19 30.30 5.87
C SER B 385 -7.42 29.27 5.03
N ALA B 386 -6.33 28.71 5.58
CA ALA B 386 -5.45 27.78 4.86
C ALA B 386 -6.20 26.46 4.67
N ASN B 387 -6.86 25.95 5.72
CA ASN B 387 -7.67 24.71 5.58
C ASN B 387 -8.81 25.00 4.59
N ALA B 388 -9.39 26.19 4.61
CA ALA B 388 -10.57 26.43 3.74
C ALA B 388 -10.15 26.26 2.27
N ILE B 389 -9.01 26.85 1.86
CA ILE B 389 -8.54 26.73 0.44
C ILE B 389 -8.09 25.29 0.14
N ARG B 390 -7.43 24.60 1.06
CA ARG B 390 -7.03 23.19 0.82
C ARG B 390 -8.29 22.36 0.58
N ASN B 391 -9.28 22.51 1.46
CA ASN B 391 -10.50 21.68 1.46
C ASN B 391 -11.26 21.99 0.16
N TYR B 392 -11.27 23.27 -0.23
CA TYR B 392 -11.97 23.66 -1.48
C TYR B 392 -11.22 23.11 -2.69
N ALA B 393 -9.93 23.32 -2.78
CA ALA B 393 -9.06 22.87 -3.89
C ALA B 393 -9.26 21.36 -4.09
N ILE B 394 -9.26 20.58 -3.01
CA ILE B 394 -9.46 19.09 -3.05
C ILE B 394 -10.85 18.78 -3.64
N SER B 395 -11.88 19.52 -3.25
CA SER B 395 -13.28 19.26 -3.70
C SER B 395 -13.35 19.45 -5.22
N LYS B 396 -12.46 20.23 -5.82
CA LYS B 396 -12.51 20.60 -7.27
C LYS B 396 -11.37 19.96 -8.09
N ASP B 397 -10.41 19.27 -7.46
CA ASP B 397 -9.21 18.76 -8.14
C ASP B 397 -8.87 17.39 -7.54
N THR B 398 -9.30 16.29 -8.18
CA THR B 398 -9.02 14.92 -7.70
C THR B 398 -7.51 14.67 -7.72
N GLY B 399 -6.69 15.43 -8.43
CA GLY B 399 -5.23 15.22 -8.45
C GLY B 399 -4.47 16.01 -7.36
N PHE B 400 -5.13 16.91 -6.62
CA PHE B 400 -4.43 17.77 -5.63
C PHE B 400 -3.67 16.90 -4.61
N VAL B 401 -4.32 15.90 -4.05
CA VAL B 401 -3.70 15.10 -2.95
C VAL B 401 -2.56 14.22 -3.50
N THR B 402 -2.50 13.90 -4.80
CA THR B 402 -1.42 13.02 -5.34
C THR B 402 -0.41 13.84 -6.14
N TYR B 403 -0.63 15.13 -6.38
CA TYR B 403 0.35 16.06 -6.97
C TYR B 403 1.43 16.34 -5.94
N LYS B 404 2.67 15.91 -6.19
CA LYS B 404 3.73 16.05 -5.19
C LYS B 404 4.18 17.50 -5.16
N ASN B 405 4.00 18.14 -4.01
CA ASN B 405 4.45 19.54 -3.73
C ASN B 405 5.81 19.82 -4.36
N TRP B 406 5.90 20.93 -5.08
CA TRP B 406 7.05 21.32 -5.93
C TRP B 406 7.59 22.66 -5.41
N PRO B 407 8.79 22.69 -4.79
CA PRO B 407 9.47 23.95 -4.43
C PRO B 407 9.96 24.67 -5.71
N ILE B 408 9.45 25.88 -5.96
CA ILE B 408 9.68 26.59 -7.26
C ILE B 408 10.62 27.78 -7.07
N TYR B 409 10.92 28.19 -5.85
CA TYR B 409 11.76 29.39 -5.59
C TYR B 409 12.27 29.36 -4.15
N LYS B 410 13.50 29.83 -3.93
CA LYS B 410 13.94 30.22 -2.59
C LYS B 410 14.89 31.40 -2.72
N ASP B 411 14.99 32.17 -1.65
CA ASP B 411 16.13 33.08 -1.40
C ASP B 411 16.44 33.05 0.10
N ASP B 412 17.24 34.00 0.59
CA ASP B 412 17.66 34.01 2.01
C ASP B 412 16.43 34.01 2.94
N THR B 413 15.29 34.60 2.55
CA THR B 413 14.16 34.81 3.48
C THR B 413 12.85 34.26 2.93
N THR B 414 12.88 33.53 1.82
CA THR B 414 11.64 33.15 1.08
C THR B 414 11.69 31.70 0.59
N ILE B 415 10.56 31.05 0.61
CA ILE B 415 10.32 29.78 -0.11
C ILE B 415 8.94 29.83 -0.74
N ALA B 416 8.90 29.42 -2.00
CA ALA B 416 7.62 29.31 -2.73
C ALA B 416 7.47 27.87 -3.25
N MET B 417 6.24 27.43 -3.27
CA MET B 417 5.89 26.02 -3.63
C MET B 417 4.54 25.97 -4.34
N ARG B 418 4.36 24.90 -5.12
CA ARG B 418 3.22 24.74 -6.06
C ARG B 418 2.66 23.35 -5.88
N LYS B 419 1.36 23.26 -5.76
CA LYS B 419 0.68 21.98 -5.59
C LYS B 419 -0.69 22.04 -6.23
N GLY B 420 -0.98 21.05 -7.09
CA GLY B 420 -2.30 20.91 -7.71
C GLY B 420 -2.17 20.92 -9.24
N THR B 421 -3.15 20.27 -9.85
CA THR B 421 -3.28 20.10 -11.34
C THR B 421 -3.17 21.47 -12.00
N ASP B 422 -2.43 21.54 -13.11
CA ASP B 422 -2.20 22.78 -13.89
C ASP B 422 -3.55 23.46 -14.13
N GLY B 423 -3.59 24.78 -13.90
CA GLY B 423 -4.83 25.60 -13.99
C GLY B 423 -5.64 25.64 -12.72
N SER B 424 -5.32 24.79 -11.73
CA SER B 424 -5.99 24.80 -10.40
C SER B 424 -4.93 24.80 -9.30
N GLN B 425 -3.67 25.12 -9.57
CA GLN B 425 -2.59 24.95 -8.57
C GLN B 425 -2.72 26.04 -7.50
N ILE B 426 -2.51 25.66 -6.24
CA ILE B 426 -2.20 26.62 -5.15
C ILE B 426 -0.71 26.92 -5.21
N VAL B 427 -0.35 28.18 -5.20
CA VAL B 427 1.06 28.62 -5.15
C VAL B 427 1.23 29.43 -3.87
N THR B 428 2.07 28.91 -3.00
CA THR B 428 2.27 29.46 -1.63
C THR B 428 3.65 30.10 -1.54
N ILE B 429 3.69 31.36 -1.08
CA ILE B 429 4.96 32.09 -0.85
C ILE B 429 5.05 32.32 0.65
N LEU B 430 6.09 31.74 1.27
CA LEU B 430 6.36 31.85 2.71
C LEU B 430 7.66 32.63 2.94
N SER B 431 7.75 33.25 4.10
CA SER B 431 8.79 34.23 4.44
C SER B 431 9.21 34.00 5.88
N ASN B 432 10.48 34.17 6.21
CA ASN B 432 10.92 34.18 7.63
C ASN B 432 11.42 35.60 7.99
N LYS B 433 10.94 36.65 7.29
CA LYS B 433 11.31 38.05 7.64
C LYS B 433 10.65 38.44 8.98
N GLY B 434 9.56 37.79 9.39
CA GLY B 434 8.87 38.08 10.66
C GLY B 434 8.12 39.41 10.59
N ALA B 435 7.54 39.82 11.71
CA ALA B 435 6.46 40.82 11.72
C ALA B 435 7.03 42.21 11.39
N SER B 436 8.35 42.42 11.50
N SER B 436 8.34 42.41 11.51
CA SER B 436 9.01 43.70 11.13
CA SER B 436 9.03 43.68 11.13
C SER B 436 9.46 43.69 9.66
C SER B 436 9.55 43.64 9.68
N GLY B 437 9.14 42.64 8.88
CA GLY B 437 9.55 42.53 7.47
C GLY B 437 9.23 43.79 6.65
N ASP B 438 10.13 44.15 5.75
CA ASP B 438 9.95 45.30 4.82
C ASP B 438 8.91 44.96 3.75
N SER B 439 8.34 45.98 3.12
CA SER B 439 7.39 45.84 1.99
C SER B 439 8.16 45.95 0.68
N TYR B 440 7.88 45.02 -0.22
CA TYR B 440 8.54 44.93 -1.53
C TYR B 440 7.66 44.03 -2.39
N THR B 441 8.01 43.98 -3.67
CA THR B 441 7.34 43.10 -4.63
C THR B 441 8.35 42.03 -5.07
N LEU B 442 7.98 40.76 -4.85
CA LEU B 442 8.75 39.60 -5.31
C LEU B 442 8.26 39.26 -6.72
N SER B 443 9.15 39.24 -7.70
CA SER B 443 8.83 38.78 -9.07
C SER B 443 9.05 37.27 -9.13
N LEU B 444 7.96 36.51 -9.06
CA LEU B 444 8.02 35.03 -8.89
C LEU B 444 7.84 34.34 -10.25
N SER B 445 8.88 33.62 -10.73
CA SER B 445 8.84 32.76 -11.94
C SER B 445 8.52 31.31 -11.54
N GLY B 446 7.89 30.55 -12.44
CA GLY B 446 7.66 29.09 -12.29
C GLY B 446 6.36 28.75 -11.59
N ALA B 447 5.46 29.71 -11.40
CA ALA B 447 4.13 29.49 -10.77
C ALA B 447 3.22 28.72 -11.73
N GLY B 448 3.41 28.89 -13.06
CA GLY B 448 2.72 28.07 -14.06
C GLY B 448 1.37 28.63 -14.43
N TYR B 449 1.05 29.86 -14.01
CA TYR B 449 -0.26 30.47 -14.32
C TYR B 449 -0.15 31.15 -15.70
N THR B 450 -1.28 31.39 -16.35
CA THR B 450 -1.31 31.97 -17.71
C THR B 450 -1.12 33.50 -17.61
N ALA B 451 -0.29 34.08 -18.48
CA ALA B 451 0.02 35.53 -18.49
C ALA B 451 -1.30 36.32 -18.42
N GLY B 452 -1.35 37.36 -17.58
CA GLY B 452 -2.54 38.22 -17.42
C GLY B 452 -3.63 37.62 -16.54
N GLN B 453 -3.53 36.35 -16.11
CA GLN B 453 -4.57 35.69 -15.28
C GLN B 453 -4.72 36.40 -13.92
N GLN B 454 -5.97 36.47 -13.43
CA GLN B 454 -6.34 37.01 -12.10
C GLN B 454 -6.19 35.91 -11.05
N LEU B 455 -5.40 36.17 -10.01
CA LEU B 455 -5.27 35.26 -8.83
C LEU B 455 -5.91 35.92 -7.61
N THR B 456 -6.34 35.10 -6.67
CA THR B 456 -6.75 35.56 -5.32
C THR B 456 -5.69 35.13 -4.31
N GLU B 457 -5.20 36.09 -3.52
CA GLU B 457 -4.37 35.81 -2.32
C GLU B 457 -5.37 35.51 -1.21
N VAL B 458 -5.57 34.21 -0.87
CA VAL B 458 -6.78 33.80 -0.13
C VAL B 458 -6.59 33.94 1.40
N ILE B 459 -5.42 34.34 1.89
CA ILE B 459 -5.22 34.59 3.35
C ILE B 459 -5.71 36.01 3.62
N GLY B 460 -5.26 36.99 2.83
CA GLY B 460 -5.62 38.41 2.98
C GLY B 460 -6.81 38.84 2.11
N CYS B 461 -7.29 37.98 1.22
CA CYS B 461 -8.36 38.28 0.22
C CYS B 461 -8.04 39.54 -0.59
N THR B 462 -6.90 39.57 -1.29
CA THR B 462 -6.52 40.60 -2.29
C THR B 462 -6.40 39.91 -3.66
N THR B 463 -6.35 40.69 -4.73
CA THR B 463 -6.16 40.10 -6.08
C THR B 463 -4.77 40.48 -6.58
N VAL B 464 -4.21 39.54 -7.34
CA VAL B 464 -2.84 39.60 -7.93
C VAL B 464 -3.04 39.26 -9.41
N THR B 465 -2.41 40.02 -10.31
CA THR B 465 -2.49 39.80 -11.78
C THR B 465 -1.14 39.31 -12.30
N VAL B 466 -1.14 38.16 -12.97
CA VAL B 466 0.12 37.58 -13.52
C VAL B 466 0.64 38.54 -14.60
N GLY B 467 1.93 38.86 -14.59
CA GLY B 467 2.63 39.62 -15.64
C GLY B 467 2.37 39.02 -17.04
N SER B 468 2.49 39.85 -18.08
CA SER B 468 2.41 39.38 -19.49
C SER B 468 3.63 38.48 -19.79
N ASP B 469 4.72 38.57 -19.00
CA ASP B 469 5.90 37.65 -19.03
C ASP B 469 5.64 36.35 -18.23
N GLY B 470 4.45 36.15 -17.65
CA GLY B 470 4.10 34.95 -16.85
C GLY B 470 4.62 34.99 -15.41
N ASN B 471 5.42 35.99 -15.04
CA ASN B 471 5.93 36.17 -13.64
C ASN B 471 4.80 36.76 -12.80
N VAL B 472 4.74 36.40 -11.51
CA VAL B 472 3.68 36.88 -10.58
C VAL B 472 4.33 37.95 -9.71
N PRO B 473 3.81 39.20 -9.71
CA PRO B 473 4.32 40.25 -8.84
C PRO B 473 3.67 40.06 -7.47
N VAL B 474 4.38 39.38 -6.54
CA VAL B 474 3.76 39.07 -5.22
C VAL B 474 4.07 40.20 -4.25
N PRO B 475 3.02 40.90 -3.72
CA PRO B 475 3.22 41.95 -2.74
C PRO B 475 3.62 41.25 -1.42
N MET B 476 4.81 41.56 -0.93
CA MET B 476 5.34 41.04 0.35
C MET B 476 5.29 42.17 1.39
N ALA B 477 4.79 41.87 2.60
CA ALA B 477 4.69 42.85 3.69
C ALA B 477 4.48 42.10 5.01
N GLY B 478 4.96 42.69 6.10
CA GLY B 478 4.67 42.21 7.46
C GLY B 478 5.11 40.76 7.66
N GLY B 479 6.04 40.28 6.82
CA GLY B 479 6.50 38.86 6.81
C GLY B 479 5.33 37.90 6.65
N LEU B 480 4.21 38.30 6.06
CA LEU B 480 2.99 37.49 5.98
C LEU B 480 3.09 36.43 4.88
N PRO B 481 2.49 35.23 5.11
CA PRO B 481 2.38 34.19 4.08
C PRO B 481 1.31 34.61 3.07
N ARG B 482 1.57 34.27 1.81
CA ARG B 482 0.63 34.53 0.70
C ARG B 482 0.28 33.18 0.06
N VAL B 483 -1.00 32.94 -0.21
CA VAL B 483 -1.51 31.68 -0.82
C VAL B 483 -2.36 32.06 -2.04
N LEU B 484 -1.83 31.80 -3.22
CA LEU B 484 -2.45 32.21 -4.52
C LEU B 484 -3.24 31.05 -5.10
N TYR B 485 -4.39 31.38 -5.68
CA TYR B 485 -5.27 30.42 -6.40
C TYR B 485 -6.05 31.19 -7.46
N PRO B 486 -6.33 30.60 -8.63
CA PRO B 486 -7.03 31.34 -9.69
C PRO B 486 -8.40 31.84 -9.27
N THR B 487 -8.65 33.12 -9.49
CA THR B 487 -9.94 33.74 -9.09
C THR B 487 -11.13 33.03 -9.79
N GLU B 488 -11.02 32.76 -11.09
CA GLU B 488 -12.10 32.10 -11.89
C GLU B 488 -12.48 30.76 -11.25
N LYS B 489 -11.54 30.05 -10.60
CA LYS B 489 -11.79 28.71 -10.01
C LYS B 489 -12.49 28.81 -8.66
N LEU B 490 -12.63 30.01 -8.09
CA LEU B 490 -13.33 30.20 -6.79
C LEU B 490 -14.82 30.50 -6.98
N ALA B 491 -15.33 30.57 -8.21
CA ALA B 491 -16.73 30.96 -8.48
C ALA B 491 -17.66 30.03 -7.70
N GLY B 492 -18.61 30.60 -6.96
CA GLY B 492 -19.61 29.85 -6.16
C GLY B 492 -19.10 29.44 -4.78
N SER B 493 -17.82 29.70 -4.45
CA SER B 493 -17.22 29.29 -3.16
C SER B 493 -17.44 30.40 -2.12
N LYS B 494 -17.19 30.07 -0.85
CA LYS B 494 -17.38 30.99 0.31
C LYS B 494 -16.08 31.75 0.60
N ILE B 495 -15.00 31.49 -0.17
CA ILE B 495 -13.64 32.03 0.12
C ILE B 495 -13.52 33.45 -0.40
N CYS B 496 -13.17 34.39 0.48
CA CYS B 496 -12.99 35.82 0.14
C CYS B 496 -14.30 36.34 -0.50
N SER B 497 -15.47 35.92 0.02
CA SER B 497 -16.83 36.30 -0.46
C SER B 497 -16.80 37.64 -1.21
#